data_6LGA
#
_entry.id   6LGA
#
_cell.length_a   65.880
_cell.length_b   145.684
_cell.length_c   153.796
_cell.angle_alpha   90.000
_cell.angle_beta   90.000
_cell.angle_gamma   90.000
#
_symmetry.space_group_name_H-M   'P 21 21 21'
#
loop_
_entity.id
_entity.type
_entity.pdbx_description
1 polymer 'Sucrose hydrolase'
2 non-polymer 'MAGNESIUM ION'
3 non-polymer 'CALCIUM ION'
4 non-polymer GLYCEROL
5 non-polymer 'TRIETHYLENE GLYCOL'
6 water water
#
_entity_poly.entity_id   1
_entity_poly.type   'polypeptide(L)'
_entity_poly.pdbx_seq_one_letter_code
;MGSSHHHHHHSSGLVPRGSHMSNQNAPTPPPTEVIQLDWWKNCVLYQIYPRSFKDSDGDGIGDLKGIISELKHFVDAGVD
AIWMSPIFESPMVDFGYDISNFYDIHYEYGTMEDFEELLDKAHELGLKVLLDFVPNHASNESEYFIKSEAREPGYENFFI
WADPLPNPENPGVRLPPSNWVSQFGGSAWEWSEKRQQYYLHQFAIQQVDFDFRNPAVKQEMFNIMKFWLDKGADGFRLDA
LPYLIEADPADHEGRYPDDPLSGLTQFESHQLGYTIPLYTKDLIELYDVVYEWREFLDEYNKNHGGDTRVVFSEGYANVS
MTMLYYGNEDGAIGAHFPFNFDFITDLSSKSNARDFVYIILRWLTYMPYGGIPNWVFGNHDNNRMPTRFRHDMVDGLNII
NMLLPGVAVTYQGEEIGMRDGYVSWEDTVDIEACNRGDPDTYHLYSRDPARTPYHWDNSTSAGFSTSTNTWLPVAEDYQE
INLAKQKETARSHFKNYQALTKLRKQATLSHGEYDIRALSDRTFYLVRSLPTHDTYVLLFNVSERRDTVDLGRVPHLTLP
ATVYVSSIHSARLAGHEITSSQLSLEAGEALVLKAQPI
;
_entity_poly.pdbx_strand_id   A,B
#
loop_
_chem_comp.id
_chem_comp.type
_chem_comp.name
_chem_comp.formula
CA non-polymer 'CALCIUM ION' 'Ca 2'
GOL non-polymer GLYCEROL 'C3 H8 O3'
MG non-polymer 'MAGNESIUM ION' 'Mg 2'
PGE non-polymer 'TRIETHYLENE GLYCOL' 'C6 H14 O4'
#
# COMPACT_ATOMS: atom_id res chain seq x y z
N PRO A 29 -22.22 11.75 33.28
CA PRO A 29 -23.32 11.38 32.36
C PRO A 29 -23.57 9.87 32.32
N PRO A 30 -24.84 9.40 32.34
CA PRO A 30 -25.10 7.96 32.30
C PRO A 30 -24.69 7.39 30.94
N PRO A 31 -24.09 6.17 30.90
CA PRO A 31 -23.70 5.56 29.62
C PRO A 31 -24.89 5.50 28.65
N THR A 32 -24.73 6.00 27.41
CA THR A 32 -25.77 5.99 26.34
C THR A 32 -26.14 4.53 26.01
N GLU A 33 -27.39 4.28 25.62
CA GLU A 33 -27.86 2.95 25.14
C GLU A 33 -27.38 2.82 23.70
N VAL A 34 -26.96 1.63 23.29
CA VAL A 34 -26.63 1.33 21.86
C VAL A 34 -27.63 0.30 21.34
N ILE A 35 -28.00 0.40 20.08
CA ILE A 35 -28.91 -0.57 19.40
C ILE A 35 -28.10 -1.85 19.18
N GLN A 36 -28.62 -2.99 19.63
CA GLN A 36 -27.93 -4.29 19.46
C GLN A 36 -27.76 -4.57 17.96
N LEU A 37 -26.59 -5.04 17.55
CA LEU A 37 -26.31 -5.37 16.13
C LEU A 37 -26.77 -6.81 15.85
N ASP A 38 -27.20 -7.09 14.63
CA ASP A 38 -27.39 -8.48 14.15
C ASP A 38 -26.12 -9.27 14.50
N TRP A 39 -26.28 -10.55 14.83
CA TRP A 39 -25.21 -11.39 15.44
C TRP A 39 -23.95 -11.39 14.55
N TRP A 40 -24.10 -11.36 13.23
CA TRP A 40 -22.99 -11.59 12.27
C TRP A 40 -22.11 -10.34 12.14
N LYS A 41 -22.56 -9.18 12.63
CA LYS A 41 -21.83 -7.91 12.44
C LYS A 41 -20.66 -7.78 13.41
N ASN A 42 -20.67 -8.53 14.53
CA ASN A 42 -19.57 -8.45 15.53
C ASN A 42 -19.35 -9.81 16.17
N CYS A 43 -19.64 -10.91 15.48
CA CYS A 43 -19.39 -12.26 16.00
C CYS A 43 -17.88 -12.49 16.07
N VAL A 44 -17.49 -13.35 17.00
CA VAL A 44 -16.21 -14.11 16.96
C VAL A 44 -16.48 -15.42 16.20
N LEU A 45 -15.86 -15.53 15.03
CA LEU A 45 -16.00 -16.69 14.11
C LEU A 45 -14.76 -17.56 14.24
N TYR A 46 -14.95 -18.84 14.58
CA TYR A 46 -13.88 -19.82 14.78
C TYR A 46 -13.95 -20.83 13.64
N GLN A 47 -12.84 -20.98 12.92
CA GLN A 47 -12.71 -22.00 11.86
C GLN A 47 -12.29 -23.31 12.52
N ILE A 48 -13.15 -24.31 12.43
CA ILE A 48 -12.78 -25.70 12.82
C ILE A 48 -12.22 -26.38 11.57
N TYR A 49 -11.09 -27.05 11.73
CA TYR A 49 -10.59 -28.03 10.73
C TYR A 49 -10.94 -29.41 11.27
N PRO A 50 -12.12 -29.97 10.91
CA PRO A 50 -12.66 -31.16 11.57
C PRO A 50 -11.67 -32.32 11.68
N ARG A 51 -10.84 -32.55 10.66
CA ARG A 51 -9.91 -33.70 10.61
C ARG A 51 -8.92 -33.62 11.77
N SER A 52 -8.70 -32.43 12.34
CA SER A 52 -7.61 -32.17 13.33
C SER A 52 -8.14 -31.62 14.66
N PHE A 53 -9.46 -31.53 14.86
CA PHE A 53 -10.05 -30.91 16.07
C PHE A 53 -10.13 -31.96 17.18
N LYS A 54 -11.01 -32.96 17.05
CA LYS A 54 -11.16 -33.99 18.12
C LYS A 54 -11.56 -35.33 17.51
N ASP A 55 -10.73 -36.34 17.74
CA ASP A 55 -11.00 -37.75 17.38
C ASP A 55 -11.69 -38.43 18.57
N SER A 56 -12.93 -38.87 18.36
CA SER A 56 -13.79 -39.53 19.38
C SER A 56 -13.65 -41.06 19.34
N ASP A 57 -13.06 -41.64 18.29
CA ASP A 57 -13.18 -43.11 18.06
C ASP A 57 -11.82 -43.77 17.79
N GLY A 58 -10.71 -43.09 18.06
CA GLY A 58 -9.37 -43.71 18.11
C GLY A 58 -8.81 -44.13 16.76
N ASP A 59 -9.30 -43.57 15.65
CA ASP A 59 -8.74 -43.83 14.29
C ASP A 59 -7.69 -42.76 13.91
N GLY A 60 -7.40 -41.79 14.79
CA GLY A 60 -6.41 -40.72 14.50
C GLY A 60 -6.98 -39.62 13.61
N ILE A 61 -8.29 -39.65 13.35
CA ILE A 61 -9.01 -38.76 12.42
C ILE A 61 -10.07 -38.01 13.23
N GLY A 62 -10.02 -36.69 13.24
CA GLY A 62 -11.05 -35.86 13.88
C GLY A 62 -12.41 -36.14 13.29
N ASP A 63 -13.46 -36.02 14.08
CA ASP A 63 -14.81 -36.42 13.63
C ASP A 63 -15.87 -35.55 14.28
N LEU A 64 -17.11 -35.69 13.84
CA LEU A 64 -18.24 -34.83 14.30
C LEU A 64 -18.59 -35.14 15.76
N LYS A 65 -18.53 -36.41 16.20
CA LYS A 65 -18.80 -36.72 17.64
C LYS A 65 -17.71 -36.04 18.49
N GLY A 66 -16.49 -35.95 17.98
CA GLY A 66 -15.41 -35.18 18.62
C GLY A 66 -15.78 -33.71 18.78
N ILE A 67 -16.17 -33.07 17.69
CA ILE A 67 -16.63 -31.65 17.75
C ILE A 67 -17.78 -31.53 18.76
N ILE A 68 -18.78 -32.40 18.69
CA ILE A 68 -19.98 -32.35 19.59
C ILE A 68 -19.49 -32.35 21.04
N SER A 69 -18.50 -33.19 21.35
CA SER A 69 -17.95 -33.40 22.72
C SER A 69 -17.25 -32.14 23.23
N GLU A 70 -16.86 -31.22 22.33
CA GLU A 70 -16.12 -30.02 22.76
C GLU A 70 -16.81 -28.75 22.28
N LEU A 71 -18.12 -28.80 21.98
CA LEU A 71 -18.90 -27.58 21.68
C LEU A 71 -18.80 -26.60 22.86
N LYS A 72 -18.71 -27.11 24.08
CA LYS A 72 -18.60 -26.29 25.32
C LYS A 72 -17.34 -25.40 25.22
N HIS A 73 -16.29 -25.86 24.52
CA HIS A 73 -15.04 -25.08 24.36
C HIS A 73 -15.35 -23.71 23.73
N PHE A 74 -16.29 -23.64 22.78
CA PHE A 74 -16.59 -22.38 22.05
C PHE A 74 -17.28 -21.42 23.03
N VAL A 75 -18.17 -21.94 23.87
CA VAL A 75 -18.83 -21.12 24.93
C VAL A 75 -17.76 -20.61 25.88
N ASP A 76 -16.88 -21.50 26.34
CA ASP A 76 -15.77 -21.17 27.28
C ASP A 76 -14.85 -20.11 26.66
N ALA A 77 -14.54 -20.19 25.36
CA ALA A 77 -13.63 -19.26 24.65
C ALA A 77 -14.29 -17.89 24.41
N GLY A 78 -15.62 -17.82 24.37
CA GLY A 78 -16.36 -16.63 23.94
C GLY A 78 -16.50 -16.55 22.43
N VAL A 79 -16.51 -17.71 21.75
CA VAL A 79 -16.76 -17.84 20.28
C VAL A 79 -18.27 -17.81 20.07
N ASP A 80 -18.73 -17.04 19.10
CA ASP A 80 -20.18 -16.89 18.80
C ASP A 80 -20.61 -17.86 17.70
N ALA A 81 -19.71 -18.13 16.74
CA ALA A 81 -20.04 -18.90 15.52
C ALA A 81 -18.85 -19.76 15.14
N ILE A 82 -19.13 -20.96 14.64
CA ILE A 82 -18.10 -21.87 14.12
C ILE A 82 -18.40 -22.08 12.63
N TRP A 83 -17.34 -22.14 11.84
CA TRP A 83 -17.39 -22.58 10.44
C TRP A 83 -16.51 -23.83 10.39
N MET A 84 -17.01 -24.91 9.82
CA MET A 84 -16.22 -26.15 9.63
C MET A 84 -15.72 -26.19 8.20
N SER A 85 -14.44 -26.54 8.01
CA SER A 85 -13.91 -26.96 6.70
C SER A 85 -14.72 -28.16 6.22
N PRO A 86 -14.66 -28.54 4.93
CA PRO A 86 -15.70 -29.41 4.38
C PRO A 86 -15.82 -30.76 5.11
N ILE A 87 -17.05 -31.19 5.31
CA ILE A 87 -17.41 -32.48 5.96
C ILE A 87 -18.30 -33.31 5.04
N PHE A 88 -18.38 -32.95 3.75
CA PHE A 88 -19.24 -33.66 2.77
C PHE A 88 -18.48 -34.86 2.20
N GLU A 89 -19.22 -35.85 1.70
CA GLU A 89 -18.64 -37.05 1.05
C GLU A 89 -17.54 -36.64 0.07
N SER A 90 -16.38 -37.25 0.19
CA SER A 90 -15.16 -36.80 -0.51
C SER A 90 -14.14 -37.93 -0.54
N PRO A 91 -13.50 -38.17 -1.71
CA PRO A 91 -12.31 -39.04 -1.79
C PRO A 91 -11.08 -38.56 -1.01
N MET A 92 -11.14 -37.36 -0.42
CA MET A 92 -10.10 -36.78 0.47
C MET A 92 -8.81 -36.47 -0.30
N VAL A 93 -8.85 -36.38 -1.63
CA VAL A 93 -7.69 -35.94 -2.44
C VAL A 93 -7.21 -34.56 -1.98
N ASP A 94 -8.12 -33.63 -1.72
CA ASP A 94 -7.79 -32.29 -1.16
C ASP A 94 -8.46 -32.18 0.20
N PHE A 95 -8.43 -33.28 0.98
CA PHE A 95 -9.00 -33.37 2.35
C PHE A 95 -10.32 -32.60 2.46
N GLY A 96 -11.25 -32.97 1.57
CA GLY A 96 -12.68 -32.57 1.66
C GLY A 96 -13.07 -31.50 0.64
N TYR A 97 -12.11 -30.80 0.02
CA TYR A 97 -12.36 -29.74 -0.97
C TYR A 97 -12.62 -30.37 -2.34
N ASP A 98 -12.51 -31.70 -2.43
CA ASP A 98 -12.92 -32.57 -3.56
C ASP A 98 -14.17 -33.34 -3.14
N ILE A 99 -15.35 -32.82 -3.46
CA ILE A 99 -16.63 -33.33 -2.91
C ILE A 99 -17.31 -34.22 -3.96
N SER A 100 -17.59 -35.47 -3.60
CA SER A 100 -18.24 -36.46 -4.48
C SER A 100 -19.75 -36.44 -4.29
N ASN A 101 -20.23 -35.97 -3.14
CA ASN A 101 -21.69 -35.87 -2.87
C ASN A 101 -21.93 -34.70 -1.92
N PHE A 102 -22.59 -33.65 -2.41
CA PHE A 102 -22.82 -32.39 -1.67
C PHE A 102 -24.00 -32.53 -0.69
N TYR A 103 -24.67 -33.68 -0.60
CA TYR A 103 -25.88 -33.82 0.25
C TYR A 103 -25.68 -34.82 1.39
N ASP A 104 -24.45 -35.26 1.66
CA ASP A 104 -24.21 -36.21 2.77
C ASP A 104 -22.84 -36.00 3.39
N ILE A 105 -22.63 -36.60 4.55
CA ILE A 105 -21.43 -36.45 5.42
C ILE A 105 -20.38 -37.49 5.03
N HIS A 106 -19.12 -37.05 4.96
CA HIS A 106 -17.94 -37.93 4.80
C HIS A 106 -17.92 -38.98 5.91
N TYR A 107 -17.84 -40.26 5.55
CA TYR A 107 -17.97 -41.40 6.51
C TYR A 107 -16.94 -41.31 7.64
N GLU A 108 -15.69 -40.88 7.38
CA GLU A 108 -14.67 -40.82 8.45
C GLU A 108 -15.11 -39.81 9.54
N TYR A 109 -15.94 -38.82 9.19
CA TYR A 109 -16.33 -37.74 10.12
C TYR A 109 -17.62 -38.14 10.85
N GLY A 110 -18.41 -39.02 10.25
CA GLY A 110 -19.63 -39.53 10.89
C GLY A 110 -20.77 -39.57 9.90
N THR A 111 -21.98 -39.37 10.39
CA THR A 111 -23.24 -39.58 9.65
C THR A 111 -24.06 -38.30 9.62
N MET A 112 -25.08 -38.27 8.77
CA MET A 112 -26.06 -37.17 8.74
C MET A 112 -26.65 -37.02 10.15
N GLU A 113 -26.89 -38.12 10.85
CA GLU A 113 -27.47 -38.08 12.22
C GLU A 113 -26.51 -37.33 13.14
N ASP A 114 -25.21 -37.62 13.07
CA ASP A 114 -24.17 -36.89 13.83
C ASP A 114 -24.22 -35.39 13.51
N PHE A 115 -24.36 -35.02 12.24
CA PHE A 115 -24.42 -33.61 11.82
C PHE A 115 -25.64 -32.94 12.46
N GLU A 116 -26.80 -33.61 12.39
CA GLU A 116 -28.07 -33.06 12.96
C GLU A 116 -27.91 -32.88 14.47
N GLU A 117 -27.23 -33.80 15.14
CA GLU A 117 -26.94 -33.71 16.60
C GLU A 117 -26.04 -32.50 16.86
N LEU A 118 -25.02 -32.31 16.01
CA LEU A 118 -24.06 -31.17 16.11
C LEU A 118 -24.84 -29.85 16.05
N LEU A 119 -25.71 -29.69 15.06
CA LEU A 119 -26.52 -28.45 14.91
C LEU A 119 -27.37 -28.25 16.17
N ASP A 120 -28.01 -29.31 16.62
CA ASP A 120 -28.97 -29.25 17.76
CA ASP A 120 -28.99 -29.20 17.75
C ASP A 120 -28.24 -28.77 19.02
N LYS A 121 -27.11 -29.39 19.33
CA LYS A 121 -26.35 -29.11 20.56
C LYS A 121 -25.72 -27.73 20.42
N ALA A 122 -25.20 -27.39 19.23
CA ALA A 122 -24.56 -26.06 19.03
C ALA A 122 -25.61 -24.99 19.26
N HIS A 123 -26.79 -25.15 18.66
CA HIS A 123 -27.91 -24.19 18.75
C HIS A 123 -28.37 -24.09 20.20
N GLU A 124 -28.39 -25.21 20.92
CA GLU A 124 -28.81 -25.22 22.34
C GLU A 124 -27.82 -24.36 23.12
N LEU A 125 -26.53 -24.36 22.76
CA LEU A 125 -25.50 -23.57 23.48
C LEU A 125 -25.46 -22.12 22.96
N GLY A 126 -26.35 -21.72 22.04
CA GLY A 126 -26.42 -20.35 21.47
C GLY A 126 -25.39 -20.10 20.36
N LEU A 127 -24.73 -21.15 19.84
CA LEU A 127 -23.70 -21.03 18.77
C LEU A 127 -24.37 -21.01 17.40
N LYS A 128 -23.79 -20.27 16.44
CA LYS A 128 -24.15 -20.38 14.99
C LYS A 128 -23.18 -21.35 14.33
N VAL A 129 -23.65 -22.09 13.32
CA VAL A 129 -22.84 -23.11 12.60
C VAL A 129 -22.90 -22.83 11.10
N LEU A 130 -21.74 -22.59 10.51
CA LEU A 130 -21.62 -22.36 9.05
CA LEU A 130 -21.60 -22.35 9.04
C LEU A 130 -20.92 -23.55 8.40
N LEU A 131 -21.36 -23.93 7.20
CA LEU A 131 -20.77 -25.02 6.41
C LEU A 131 -19.91 -24.40 5.30
N ASP A 132 -18.85 -25.12 4.97
CA ASP A 132 -17.93 -24.74 3.88
C ASP A 132 -18.54 -25.28 2.60
N PHE A 133 -19.00 -24.37 1.74
CA PHE A 133 -19.65 -24.61 0.43
C PHE A 133 -18.56 -24.42 -0.64
N VAL A 134 -18.35 -25.43 -1.48
CA VAL A 134 -17.26 -25.46 -2.50
C VAL A 134 -17.91 -25.44 -3.89
N PRO A 135 -18.42 -24.28 -4.37
CA PRO A 135 -19.19 -24.25 -5.61
C PRO A 135 -18.34 -24.34 -6.89
N ASN A 136 -17.05 -24.06 -6.83
CA ASN A 136 -16.24 -23.99 -8.06
C ASN A 136 -16.15 -25.36 -8.76
N HIS A 137 -16.09 -26.45 -8.01
CA HIS A 137 -15.66 -27.75 -8.56
C HIS A 137 -16.24 -28.91 -7.77
N ALA A 138 -16.33 -30.05 -8.44
CA ALA A 138 -16.74 -31.34 -7.83
C ALA A 138 -15.60 -32.35 -7.98
N SER A 139 -15.54 -33.34 -7.10
CA SER A 139 -14.70 -34.55 -7.27
C SER A 139 -15.02 -35.17 -8.65
N ASN A 140 -14.01 -35.73 -9.30
CA ASN A 140 -14.18 -36.60 -10.51
C ASN A 140 -14.87 -37.91 -10.13
N GLU A 141 -15.10 -38.17 -8.84
CA GLU A 141 -15.90 -39.33 -8.40
C GLU A 141 -17.34 -38.92 -8.09
N SER A 142 -17.73 -37.65 -8.27
CA SER A 142 -19.14 -37.21 -8.16
C SER A 142 -19.97 -37.87 -9.26
N GLU A 143 -21.25 -38.15 -9.00
CA GLU A 143 -22.22 -38.56 -10.06
C GLU A 143 -22.26 -37.45 -11.13
N TYR A 144 -22.19 -36.17 -10.73
CA TYR A 144 -22.18 -35.08 -11.72
C TYR A 144 -21.13 -35.39 -12.78
N PHE A 145 -19.88 -35.66 -12.36
CA PHE A 145 -18.75 -35.84 -13.30
C PHE A 145 -18.91 -37.15 -14.09
N ILE A 146 -19.22 -38.25 -13.40
CA ILE A 146 -19.39 -39.58 -14.06
C ILE A 146 -20.41 -39.45 -15.18
N LYS A 147 -21.56 -38.83 -14.90
CA LYS A 147 -22.64 -38.65 -15.89
C LYS A 147 -22.20 -37.66 -16.98
N SER A 148 -21.49 -36.59 -16.61
CA SER A 148 -21.03 -35.57 -17.58
C SER A 148 -20.07 -36.21 -18.58
N GLU A 149 -19.09 -36.97 -18.09
CA GLU A 149 -18.03 -37.59 -18.93
C GLU A 149 -18.71 -38.58 -19.90
N ALA A 150 -19.81 -39.22 -19.47
CA ALA A 150 -20.59 -40.22 -20.23
C ALA A 150 -21.59 -39.52 -21.16
N ARG A 151 -21.65 -38.18 -21.11
CA ARG A 151 -22.56 -37.35 -21.93
C ARG A 151 -24.02 -37.76 -21.65
N GLU A 152 -24.37 -38.06 -20.40
CA GLU A 152 -25.80 -38.31 -20.06
C GLU A 152 -26.59 -37.03 -20.26
N PRO A 153 -27.82 -37.10 -20.81
CA PRO A 153 -28.62 -35.90 -21.05
C PRO A 153 -28.72 -35.05 -19.78
N GLY A 154 -28.54 -33.73 -19.92
CA GLY A 154 -28.65 -32.75 -18.82
C GLY A 154 -27.36 -32.58 -18.04
N TYR A 155 -26.34 -33.42 -18.28
CA TYR A 155 -25.03 -33.37 -17.57
C TYR A 155 -23.86 -33.10 -18.52
N GLU A 156 -24.10 -33.08 -19.83
CA GLU A 156 -23.02 -33.01 -20.86
C GLU A 156 -22.17 -31.77 -20.62
N ASN A 157 -22.83 -30.66 -20.32
CA ASN A 157 -22.22 -29.31 -20.20
C ASN A 157 -22.16 -28.89 -18.73
N PHE A 158 -22.17 -29.83 -17.79
CA PHE A 158 -22.14 -29.49 -16.35
C PHE A 158 -20.77 -28.95 -15.96
N PHE A 159 -19.73 -29.39 -16.67
CA PHE A 159 -18.33 -28.97 -16.46
C PHE A 159 -17.80 -28.38 -17.76
N ILE A 160 -16.63 -27.75 -17.69
CA ILE A 160 -15.97 -27.09 -18.85
C ILE A 160 -15.25 -28.18 -19.62
N TRP A 161 -15.81 -28.56 -20.75
CA TRP A 161 -15.26 -29.58 -21.67
C TRP A 161 -14.85 -28.87 -22.96
N ALA A 162 -13.67 -29.17 -23.46
CA ALA A 162 -13.12 -28.49 -24.65
C ALA A 162 -12.39 -29.48 -25.53
N ASP A 163 -12.54 -29.30 -26.83
CA ASP A 163 -11.75 -30.01 -27.87
C ASP A 163 -10.28 -29.60 -27.73
N PRO A 164 -9.35 -30.46 -28.17
CA PRO A 164 -7.96 -30.03 -28.33
C PRO A 164 -7.90 -28.80 -29.23
N LEU A 165 -6.92 -27.93 -29.02
CA LEU A 165 -6.66 -26.78 -29.89
C LEU A 165 -6.24 -27.34 -31.25
N PRO A 166 -6.87 -26.90 -32.36
CA PRO A 166 -6.42 -27.34 -33.69
C PRO A 166 -4.93 -27.05 -33.85
N ASN A 167 -4.22 -27.96 -34.50
CA ASN A 167 -2.76 -27.91 -34.65
C ASN A 167 -2.45 -27.84 -36.16
N PRO A 168 -2.51 -26.67 -36.79
CA PRO A 168 -2.24 -26.58 -38.23
C PRO A 168 -0.78 -26.95 -38.60
N GLU A 169 0.18 -26.84 -37.67
CA GLU A 169 1.61 -27.25 -37.86
C GLU A 169 1.66 -28.76 -38.13
N ASN A 170 1.04 -29.56 -37.26
CA ASN A 170 0.98 -31.03 -37.39
C ASN A 170 -0.40 -31.50 -36.94
N PRO A 171 -1.35 -31.56 -37.87
CA PRO A 171 -2.74 -31.89 -37.55
C PRO A 171 -2.85 -33.19 -36.75
N GLY A 172 -3.63 -33.16 -35.66
CA GLY A 172 -3.88 -34.35 -34.84
C GLY A 172 -2.78 -34.56 -33.80
N VAL A 173 -1.74 -33.72 -33.75
CA VAL A 173 -0.90 -33.64 -32.52
C VAL A 173 -1.76 -32.91 -31.45
N ARG A 174 -2.00 -33.59 -30.34
CA ARG A 174 -3.02 -33.17 -29.34
C ARG A 174 -2.46 -32.00 -28.55
N LEU A 175 -3.11 -30.85 -28.61
CA LEU A 175 -2.73 -29.63 -27.85
C LEU A 175 -3.85 -29.32 -26.87
N PRO A 176 -3.51 -28.89 -25.64
CA PRO A 176 -4.53 -28.44 -24.70
C PRO A 176 -5.28 -27.24 -25.26
N PRO A 177 -6.53 -26.96 -24.82
CA PRO A 177 -7.28 -25.81 -25.32
C PRO A 177 -6.54 -24.47 -25.16
N SER A 178 -5.71 -24.37 -24.13
CA SER A 178 -4.98 -23.12 -23.81
C SER A 178 -3.85 -23.44 -22.82
N ASN A 179 -3.04 -22.43 -22.50
CA ASN A 179 -1.83 -22.51 -21.64
C ASN A 179 -2.20 -22.45 -20.15
N TRP A 180 -3.49 -22.51 -19.81
CA TRP A 180 -3.93 -22.24 -18.41
C TRP A 180 -3.22 -23.19 -17.44
N VAL A 181 -2.83 -22.65 -16.29
CA VAL A 181 -2.04 -23.39 -15.26
C VAL A 181 -2.92 -23.60 -14.03
N SER A 182 -2.89 -24.82 -13.51
CA SER A 182 -3.59 -25.24 -12.27
C SER A 182 -2.93 -24.57 -11.06
N GLN A 183 -3.73 -24.25 -10.06
CA GLN A 183 -3.24 -23.76 -8.74
C GLN A 183 -2.34 -24.80 -8.07
N PHE A 184 -2.49 -26.09 -8.39
CA PHE A 184 -1.69 -27.20 -7.81
C PHE A 184 -0.59 -27.63 -8.78
N GLY A 185 -0.23 -26.79 -9.77
CA GLY A 185 0.83 -27.06 -10.75
C GLY A 185 0.35 -27.91 -11.93
N GLY A 186 1.03 -27.77 -13.07
CA GLY A 186 0.68 -28.44 -14.34
C GLY A 186 -0.44 -27.74 -15.08
N SER A 187 -0.85 -28.30 -16.21
CA SER A 187 -1.94 -27.78 -17.05
C SER A 187 -3.23 -27.81 -16.23
N ALA A 188 -4.09 -26.80 -16.44
CA ALA A 188 -5.47 -26.74 -15.92
C ALA A 188 -6.41 -27.59 -16.78
N TRP A 189 -5.89 -28.26 -17.80
CA TRP A 189 -6.69 -29.13 -18.72
C TRP A 189 -6.24 -30.59 -18.60
N GLU A 190 -7.21 -31.48 -18.35
CA GLU A 190 -6.95 -32.94 -18.24
C GLU A 190 -7.70 -33.64 -19.39
N TRP A 191 -6.98 -34.47 -20.12
CA TRP A 191 -7.55 -35.28 -21.22
C TRP A 191 -8.45 -36.37 -20.65
N SER A 192 -9.67 -36.49 -21.18
CA SER A 192 -10.55 -37.65 -20.95
C SER A 192 -10.48 -38.57 -22.18
N GLU A 193 -9.98 -39.81 -22.02
CA GLU A 193 -9.98 -40.83 -23.12
C GLU A 193 -11.43 -41.12 -23.50
N LYS A 194 -12.29 -41.28 -22.49
CA LYS A 194 -13.71 -41.66 -22.71
C LYS A 194 -14.37 -40.61 -23.59
N ARG A 195 -14.21 -39.33 -23.26
CA ARG A 195 -14.94 -38.25 -23.97
C ARG A 195 -14.14 -37.67 -25.13
N GLN A 196 -12.83 -37.95 -25.22
CA GLN A 196 -11.98 -37.38 -26.31
C GLN A 196 -12.09 -35.85 -26.27
N GLN A 197 -12.12 -35.30 -25.04
CA GLN A 197 -12.05 -33.85 -24.80
C GLN A 197 -11.25 -33.65 -23.51
N TYR A 198 -10.77 -32.43 -23.31
CA TYR A 198 -10.17 -31.97 -22.05
C TYR A 198 -11.26 -31.42 -21.15
N TYR A 199 -11.08 -31.58 -19.84
CA TYR A 199 -11.91 -30.85 -18.86
C TYR A 199 -11.01 -29.88 -18.10
N LEU A 200 -11.61 -28.82 -17.61
CA LEU A 200 -10.91 -27.78 -16.83
C LEU A 200 -10.83 -28.23 -15.37
N HIS A 201 -9.66 -28.07 -14.77
CA HIS A 201 -9.44 -28.17 -13.30
C HIS A 201 -8.51 -27.04 -12.88
N GLN A 202 -9.04 -26.01 -12.22
CA GLN A 202 -8.18 -24.93 -11.66
C GLN A 202 -7.39 -25.50 -10.46
N PHE A 203 -7.93 -26.49 -9.77
CA PHE A 203 -7.27 -27.13 -8.61
C PHE A 203 -6.73 -28.49 -9.07
N ALA A 204 -6.91 -29.55 -8.31
CA ALA A 204 -6.30 -30.87 -8.60
C ALA A 204 -6.97 -31.42 -9.86
N ILE A 205 -6.30 -32.34 -10.54
CA ILE A 205 -6.92 -33.14 -11.64
C ILE A 205 -8.29 -33.67 -11.17
N GLN A 206 -8.42 -34.05 -9.90
CA GLN A 206 -9.67 -34.65 -9.36
C GLN A 206 -10.75 -33.61 -9.03
N GLN A 207 -10.45 -32.32 -9.14
CA GLN A 207 -11.43 -31.24 -8.81
C GLN A 207 -11.86 -30.59 -10.11
N VAL A 208 -13.06 -30.91 -10.59
CA VAL A 208 -13.47 -30.57 -11.98
C VAL A 208 -14.33 -29.31 -11.92
N ASP A 209 -13.96 -28.28 -12.67
CA ASP A 209 -14.63 -26.96 -12.66
C ASP A 209 -16.01 -27.06 -13.31
N PHE A 210 -17.05 -26.68 -12.56
CA PHE A 210 -18.43 -26.57 -13.07
C PHE A 210 -18.48 -25.45 -14.11
N ASP A 211 -19.44 -25.56 -15.03
CA ASP A 211 -19.74 -24.47 -15.98
C ASP A 211 -20.79 -23.54 -15.39
N PHE A 212 -20.37 -22.37 -14.91
CA PHE A 212 -21.27 -21.38 -14.25
C PHE A 212 -21.99 -20.53 -15.29
N ARG A 213 -21.85 -20.80 -16.59
CA ARG A 213 -22.77 -20.22 -17.60
C ARG A 213 -23.94 -21.18 -17.86
N ASN A 214 -23.91 -22.38 -17.29
CA ASN A 214 -24.99 -23.40 -17.43
C ASN A 214 -26.05 -23.15 -16.36
N PRO A 215 -27.29 -22.77 -16.76
CA PRO A 215 -28.38 -22.57 -15.80
C PRO A 215 -28.60 -23.75 -14.84
N ALA A 216 -28.38 -24.98 -15.31
CA ALA A 216 -28.59 -26.20 -14.49
C ALA A 216 -27.55 -26.24 -13.35
N VAL A 217 -26.32 -25.80 -13.61
CA VAL A 217 -25.26 -25.70 -12.56
C VAL A 217 -25.68 -24.65 -11.53
N LYS A 218 -26.12 -23.48 -11.97
CA LYS A 218 -26.54 -22.41 -11.03
C LYS A 218 -27.73 -22.92 -10.20
N GLN A 219 -28.69 -23.61 -10.83
CA GLN A 219 -29.82 -24.22 -10.10
C GLN A 219 -29.28 -25.19 -9.04
N GLU A 220 -28.28 -26.00 -9.38
CA GLU A 220 -27.76 -27.06 -8.47
C GLU A 220 -27.16 -26.41 -7.23
N MET A 221 -26.50 -25.26 -7.37
CA MET A 221 -25.92 -24.53 -6.21
C MET A 221 -27.05 -24.06 -5.28
N PHE A 222 -28.16 -23.55 -5.81
CA PHE A 222 -29.32 -23.20 -4.96
C PHE A 222 -29.83 -24.46 -4.28
N ASN A 223 -29.92 -25.58 -4.98
CA ASN A 223 -30.43 -26.86 -4.43
C ASN A 223 -29.59 -27.27 -3.22
N ILE A 224 -28.27 -27.18 -3.35
CA ILE A 224 -27.31 -27.60 -2.29
C ILE A 224 -27.50 -26.68 -1.08
N MET A 225 -27.52 -25.38 -1.30
CA MET A 225 -27.63 -24.40 -0.20
C MET A 225 -28.98 -24.57 0.48
N LYS A 226 -30.06 -24.74 -0.27
CA LYS A 226 -31.41 -24.89 0.35
C LYS A 226 -31.40 -26.13 1.26
N PHE A 227 -30.84 -27.24 0.77
CA PHE A 227 -30.81 -28.52 1.51
C PHE A 227 -30.21 -28.30 2.90
N TRP A 228 -29.07 -27.63 2.99
CA TRP A 228 -28.33 -27.48 4.26
C TRP A 228 -28.93 -26.36 5.13
N LEU A 229 -29.45 -25.29 4.53
CA LEU A 229 -30.22 -24.27 5.28
C LEU A 229 -31.46 -24.92 5.90
N ASP A 230 -32.14 -25.79 5.15
CA ASP A 230 -33.35 -26.50 5.65
C ASP A 230 -32.98 -27.41 6.83
N LYS A 231 -31.78 -27.98 6.85
CA LYS A 231 -31.25 -28.78 7.99
C LYS A 231 -31.06 -27.86 9.22
N GLY A 232 -30.86 -26.56 9.01
CA GLY A 232 -30.71 -25.53 10.07
C GLY A 232 -29.32 -24.90 10.11
N ALA A 233 -28.48 -25.06 9.07
CA ALA A 233 -27.19 -24.34 9.00
C ALA A 233 -27.45 -22.83 9.07
N ASP A 234 -26.61 -22.09 9.77
CA ASP A 234 -26.72 -20.61 9.90
C ASP A 234 -26.04 -19.88 8.74
N GLY A 235 -25.52 -20.62 7.75
CA GLY A 235 -24.94 -20.00 6.54
C GLY A 235 -23.76 -20.79 6.02
N PHE A 236 -22.98 -20.16 5.15
CA PHE A 236 -21.89 -20.81 4.39
C PHE A 236 -20.67 -19.91 4.36
N ARG A 237 -19.52 -20.55 4.42
CA ARG A 237 -18.25 -20.04 3.89
C ARG A 237 -18.13 -20.53 2.45
N LEU A 238 -17.95 -19.61 1.51
CA LEU A 238 -17.92 -19.87 0.07
C LEU A 238 -16.48 -19.93 -0.43
N ASP A 239 -16.08 -21.08 -0.96
CA ASP A 239 -14.69 -21.46 -1.33
C ASP A 239 -14.34 -20.96 -2.74
N ALA A 240 -13.13 -20.42 -2.92
CA ALA A 240 -12.41 -20.28 -4.21
C ALA A 240 -13.22 -19.49 -5.24
N LEU A 241 -13.94 -18.44 -4.81
CA LEU A 241 -14.85 -17.70 -5.71
C LEU A 241 -14.11 -16.98 -6.84
N PRO A 242 -12.85 -16.49 -6.69
CA PRO A 242 -12.17 -15.84 -7.81
C PRO A 242 -12.13 -16.73 -9.07
N TYR A 243 -12.22 -18.05 -8.92
CA TYR A 243 -12.00 -19.01 -10.04
C TYR A 243 -13.32 -19.49 -10.65
N LEU A 244 -14.47 -18.95 -10.24
CA LEU A 244 -15.78 -19.48 -10.72
C LEU A 244 -15.80 -19.48 -12.24
N ILE A 245 -15.55 -18.33 -12.86
CA ILE A 245 -15.82 -18.19 -14.32
C ILE A 245 -14.53 -17.90 -15.08
N GLU A 246 -14.38 -18.51 -16.26
CA GLU A 246 -13.25 -18.28 -17.17
C GLU A 246 -13.80 -17.71 -18.50
N ALA A 247 -12.93 -17.22 -19.38
CA ALA A 247 -13.33 -16.59 -20.65
C ALA A 247 -14.24 -17.56 -21.44
N ASP A 248 -15.28 -16.99 -22.04
CA ASP A 248 -16.20 -17.68 -22.97
C ASP A 248 -15.51 -17.79 -24.33
N PRO A 249 -15.30 -19.01 -24.87
CA PRO A 249 -14.69 -19.14 -26.20
C PRO A 249 -15.45 -18.38 -27.30
N ALA A 250 -16.73 -18.11 -27.10
CA ALA A 250 -17.54 -17.30 -28.04
C ALA A 250 -16.97 -15.87 -28.17
N ASP A 251 -16.26 -15.36 -27.18
CA ASP A 251 -15.65 -14.00 -27.21
C ASP A 251 -14.22 -14.07 -27.76
N HIS A 252 -13.70 -15.24 -28.11
CA HIS A 252 -12.28 -15.42 -28.51
C HIS A 252 -12.21 -16.28 -29.80
N GLU A 253 -13.18 -16.11 -30.69
CA GLU A 253 -13.20 -16.74 -32.04
C GLU A 253 -13.24 -18.27 -31.89
N GLY A 254 -14.03 -18.76 -30.92
CA GLY A 254 -14.30 -20.18 -30.72
C GLY A 254 -13.14 -20.93 -30.10
N ARG A 255 -12.21 -20.27 -29.42
CA ARG A 255 -11.19 -20.97 -28.61
C ARG A 255 -11.13 -20.38 -27.20
N TYR A 256 -10.57 -21.15 -26.27
CA TYR A 256 -10.16 -20.67 -24.93
C TYR A 256 -8.88 -19.89 -25.12
N PRO A 257 -8.87 -18.59 -24.79
CA PRO A 257 -7.69 -17.76 -25.01
C PRO A 257 -6.59 -18.09 -23.99
N ASP A 258 -5.35 -18.10 -24.47
CA ASP A 258 -4.18 -18.22 -23.57
C ASP A 258 -4.22 -17.07 -22.54
N ASP A 259 -3.83 -17.38 -21.31
CA ASP A 259 -3.58 -16.34 -20.29
C ASP A 259 -2.28 -15.68 -20.71
N PRO A 260 -2.13 -14.35 -20.50
CA PRO A 260 -0.86 -13.66 -20.69
C PRO A 260 0.26 -14.37 -19.91
N LEU A 261 1.46 -14.39 -20.48
CA LEU A 261 2.67 -14.89 -19.80
C LEU A 261 3.13 -13.84 -18.78
N SER A 262 3.52 -14.27 -17.58
CA SER A 262 4.12 -13.41 -16.53
C SER A 262 5.46 -12.86 -17.01
N GLY A 263 6.20 -13.63 -17.81
CA GLY A 263 7.54 -13.26 -18.31
C GLY A 263 8.56 -13.28 -17.17
N LEU A 264 8.28 -13.99 -16.08
CA LEU A 264 9.20 -14.22 -14.95
C LEU A 264 9.98 -15.51 -15.23
N THR A 265 11.30 -15.41 -15.43
CA THR A 265 12.13 -16.53 -15.95
C THR A 265 12.24 -17.66 -14.93
N GLN A 266 11.89 -17.44 -13.64
CA GLN A 266 11.96 -18.52 -12.62
C GLN A 266 10.83 -19.54 -12.82
N PHE A 267 9.85 -19.27 -13.70
CA PHE A 267 8.67 -20.17 -13.89
C PHE A 267 8.68 -20.74 -15.31
N GLU A 268 8.70 -22.08 -15.41
CA GLU A 268 8.48 -22.82 -16.69
C GLU A 268 6.96 -23.06 -16.88
N SER A 269 6.56 -23.55 -18.05
CA SER A 269 5.14 -23.57 -18.53
C SER A 269 4.22 -24.42 -17.66
N HIS A 270 4.77 -25.33 -16.84
CA HIS A 270 4.00 -26.24 -15.95
C HIS A 270 3.94 -25.70 -14.52
N GLN A 271 4.52 -24.54 -14.25
CA GLN A 271 4.64 -24.02 -12.86
C GLN A 271 3.71 -22.83 -12.66
N LEU A 272 3.00 -22.85 -11.54
CA LEU A 272 2.12 -21.71 -11.15
C LEU A 272 3.00 -20.46 -11.06
N GLY A 273 2.58 -19.40 -11.77
CA GLY A 273 3.29 -18.12 -11.88
C GLY A 273 3.73 -17.86 -13.30
N TYR A 274 3.71 -18.88 -14.15
CA TYR A 274 4.09 -18.78 -15.59
C TYR A 274 3.11 -17.87 -16.32
N THR A 275 1.85 -17.84 -15.87
CA THR A 275 0.78 -17.00 -16.48
C THR A 275 0.26 -15.96 -15.49
N ILE A 276 -0.35 -14.91 -16.03
CA ILE A 276 -1.22 -13.92 -15.33
C ILE A 276 -2.65 -14.37 -15.61
N PRO A 277 -3.46 -14.68 -14.56
CA PRO A 277 -4.79 -15.27 -14.78
C PRO A 277 -5.88 -14.29 -15.26
N LEU A 278 -5.63 -13.58 -16.36
CA LEU A 278 -6.54 -12.53 -16.89
C LEU A 278 -7.87 -13.16 -17.34
N TYR A 279 -7.82 -14.39 -17.87
CA TYR A 279 -9.00 -15.05 -18.50
C TYR A 279 -9.53 -16.15 -17.58
N THR A 280 -8.93 -16.32 -16.39
CA THR A 280 -9.21 -17.50 -15.54
C THR A 280 -9.56 -17.11 -14.09
N LYS A 281 -9.52 -15.83 -13.74
CA LYS A 281 -9.67 -15.39 -12.34
C LYS A 281 -10.19 -13.96 -12.28
N ASP A 282 -11.09 -13.71 -11.33
CA ASP A 282 -11.63 -12.36 -11.01
C ASP A 282 -12.51 -11.85 -12.16
N LEU A 283 -13.14 -12.72 -12.94
CA LEU A 283 -14.01 -12.24 -14.05
C LEU A 283 -15.24 -11.55 -13.44
N ILE A 284 -15.61 -10.41 -14.01
CA ILE A 284 -16.74 -9.60 -13.49
C ILE A 284 -18.00 -10.48 -13.37
N GLU A 285 -18.21 -11.46 -14.26
CA GLU A 285 -19.42 -12.33 -14.24
C GLU A 285 -19.51 -13.12 -12.92
N LEU A 286 -18.38 -13.44 -12.27
CA LEU A 286 -18.44 -14.27 -11.02
C LEU A 286 -19.27 -13.53 -9.98
N TYR A 287 -19.17 -12.19 -9.92
CA TYR A 287 -19.84 -11.40 -8.87
C TYR A 287 -21.37 -11.45 -9.07
N ASP A 288 -21.83 -11.54 -10.30
CA ASP A 288 -23.29 -11.65 -10.59
C ASP A 288 -23.83 -12.93 -9.96
N VAL A 289 -23.06 -14.03 -9.98
CA VAL A 289 -23.45 -15.30 -9.30
C VAL A 289 -23.52 -15.05 -7.80
N VAL A 290 -22.51 -14.39 -7.23
CA VAL A 290 -22.50 -14.09 -5.77
C VAL A 290 -23.73 -13.27 -5.39
N TYR A 291 -24.08 -12.25 -6.18
CA TYR A 291 -25.21 -11.33 -5.86
C TYR A 291 -26.52 -12.13 -5.95
N GLU A 292 -26.59 -13.10 -6.86
CA GLU A 292 -27.74 -14.03 -6.99
C GLU A 292 -27.86 -14.91 -5.75
N TRP A 293 -26.74 -15.43 -5.25
CA TRP A 293 -26.74 -16.22 -3.99
C TRP A 293 -27.26 -15.35 -2.84
N ARG A 294 -26.83 -14.09 -2.77
CA ARG A 294 -27.25 -13.21 -1.65
C ARG A 294 -28.77 -12.96 -1.77
N GLU A 295 -29.25 -12.77 -2.98
CA GLU A 295 -30.68 -12.50 -3.26
C GLU A 295 -31.49 -13.70 -2.76
N PHE A 296 -31.06 -14.90 -3.10
CA PHE A 296 -31.66 -16.19 -2.67
C PHE A 296 -31.68 -16.26 -1.15
N LEU A 297 -30.56 -15.95 -0.52
CA LEU A 297 -30.40 -16.03 0.95
C LEU A 297 -31.26 -14.97 1.64
N ASP A 298 -31.34 -13.76 1.10
CA ASP A 298 -32.19 -12.69 1.67
C ASP A 298 -33.65 -13.17 1.67
N GLU A 299 -34.08 -13.79 0.57
CA GLU A 299 -35.47 -14.31 0.39
C GLU A 299 -35.69 -15.44 1.41
N TYR A 300 -34.70 -16.33 1.56
CA TYR A 300 -34.74 -17.45 2.54
C TYR A 300 -34.91 -16.88 3.96
N ASN A 301 -34.07 -15.95 4.37
CA ASN A 301 -34.16 -15.26 5.68
C ASN A 301 -35.55 -14.62 5.86
N LYS A 302 -36.08 -13.98 4.84
CA LYS A 302 -37.39 -13.28 4.92
C LYS A 302 -38.49 -14.32 5.17
N ASN A 303 -38.47 -15.42 4.42
CA ASN A 303 -39.54 -16.47 4.39
C ASN A 303 -39.48 -17.35 5.65
N HIS A 304 -38.32 -17.52 6.27
CA HIS A 304 -38.14 -18.49 7.39
C HIS A 304 -38.05 -17.78 8.74
N GLY A 305 -37.70 -16.50 8.78
CA GLY A 305 -37.42 -15.77 10.04
C GLY A 305 -36.28 -16.41 10.81
N GLY A 306 -36.23 -16.20 12.12
CA GLY A 306 -35.14 -16.67 12.99
C GLY A 306 -33.86 -15.89 12.73
N ASP A 307 -32.73 -16.43 13.17
CA ASP A 307 -31.41 -15.76 13.06
C ASP A 307 -31.06 -15.61 11.57
N THR A 308 -30.58 -14.42 11.17
CA THR A 308 -30.05 -14.19 9.81
C THR A 308 -29.06 -15.30 9.43
N ARG A 309 -29.26 -15.89 8.26
CA ARG A 309 -28.32 -16.84 7.66
C ARG A 309 -27.38 -16.04 6.76
N VAL A 310 -26.09 -16.33 6.77
CA VAL A 310 -25.07 -15.43 6.17
C VAL A 310 -24.22 -16.19 5.16
N VAL A 311 -23.58 -15.44 4.27
CA VAL A 311 -22.45 -15.99 3.47
C VAL A 311 -21.22 -15.12 3.66
N PHE A 312 -20.11 -15.77 3.99
CA PHE A 312 -18.76 -15.17 4.05
C PHE A 312 -17.95 -15.77 2.89
N SER A 313 -17.40 -14.94 2.02
CA SER A 313 -16.73 -15.42 0.78
C SER A 313 -15.21 -15.51 0.99
N GLU A 314 -14.60 -16.54 0.42
CA GLU A 314 -13.13 -16.74 0.40
C GLU A 314 -12.62 -16.41 -1.02
N GLY A 315 -11.68 -15.49 -1.09
CA GLY A 315 -11.00 -15.13 -2.33
C GLY A 315 -9.73 -14.34 -2.06
N TYR A 316 -8.62 -14.79 -2.62
CA TYR A 316 -7.33 -14.04 -2.57
C TYR A 316 -7.30 -13.27 -3.87
N ALA A 317 -7.38 -11.96 -3.78
CA ALA A 317 -7.46 -11.04 -4.92
C ALA A 317 -7.00 -9.67 -4.46
N ASN A 318 -6.83 -8.75 -5.40
CA ASN A 318 -6.39 -7.38 -5.09
C ASN A 318 -7.55 -6.67 -4.37
N VAL A 319 -7.31 -5.46 -3.90
CA VAL A 319 -8.28 -4.76 -3.04
C VAL A 319 -9.58 -4.51 -3.83
N SER A 320 -9.51 -3.99 -5.05
CA SER A 320 -10.73 -3.68 -5.85
CA SER A 320 -10.70 -3.69 -5.88
C SER A 320 -11.57 -4.95 -6.04
N MET A 321 -10.94 -6.04 -6.46
CA MET A 321 -11.63 -7.34 -6.75
C MET A 321 -12.15 -7.92 -5.43
N THR A 322 -11.48 -7.68 -4.30
CA THR A 322 -11.94 -8.21 -3.00
C THR A 322 -13.22 -7.46 -2.58
N MET A 323 -13.20 -6.13 -2.68
CA MET A 323 -14.32 -5.27 -2.23
C MET A 323 -15.57 -5.52 -3.08
N LEU A 324 -15.46 -6.01 -4.30
CA LEU A 324 -16.67 -6.27 -5.16
C LEU A 324 -17.50 -7.42 -4.58
N TYR A 325 -16.94 -8.22 -3.67
CA TYR A 325 -17.73 -9.30 -3.02
C TYR A 325 -18.80 -8.70 -2.11
N TYR A 326 -18.54 -7.54 -1.51
CA TYR A 326 -19.55 -6.88 -0.65
C TYR A 326 -20.75 -6.43 -1.50
N GLY A 327 -20.50 -6.03 -2.74
CA GLY A 327 -21.49 -5.36 -3.61
C GLY A 327 -20.81 -4.43 -4.57
N ASN A 328 -21.57 -3.59 -5.28
CA ASN A 328 -20.99 -2.73 -6.34
C ASN A 328 -21.65 -1.35 -6.27
N GLU A 329 -21.14 -0.39 -7.04
CA GLU A 329 -21.59 1.03 -6.99
C GLU A 329 -23.06 1.11 -7.43
N ASP A 330 -23.52 0.18 -8.27
CA ASP A 330 -24.90 0.12 -8.81
C ASP A 330 -25.92 -0.40 -7.77
N GLY A 331 -25.48 -0.77 -6.56
CA GLY A 331 -26.35 -1.19 -5.45
C GLY A 331 -26.52 -2.71 -5.32
N ALA A 332 -25.81 -3.52 -6.11
CA ALA A 332 -25.83 -4.98 -5.90
C ALA A 332 -25.24 -5.27 -4.51
N ILE A 333 -25.77 -6.29 -3.84
CA ILE A 333 -25.33 -6.75 -2.50
C ILE A 333 -24.80 -8.18 -2.65
N GLY A 334 -23.62 -8.49 -2.12
CA GLY A 334 -23.05 -9.86 -2.21
C GLY A 334 -22.90 -10.52 -0.87
N ALA A 335 -21.69 -10.99 -0.57
CA ALA A 335 -21.34 -11.65 0.69
C ALA A 335 -21.54 -10.66 1.83
N HIS A 336 -22.02 -11.15 2.95
CA HIS A 336 -22.07 -10.35 4.21
C HIS A 336 -20.68 -9.76 4.45
N PHE A 337 -19.64 -10.54 4.18
CA PHE A 337 -18.29 -10.00 3.88
C PHE A 337 -17.45 -11.01 3.12
N PRO A 338 -16.48 -10.49 2.33
CA PRO A 338 -15.33 -11.28 1.92
C PRO A 338 -14.30 -11.29 3.06
N PHE A 339 -13.68 -12.44 3.29
CA PHE A 339 -12.57 -12.55 4.26
C PHE A 339 -11.47 -11.56 3.88
N ASN A 340 -10.93 -10.92 4.91
CA ASN A 340 -9.75 -10.04 4.90
C ASN A 340 -8.53 -10.91 5.24
N PHE A 341 -7.72 -11.23 4.24
CA PHE A 341 -6.48 -12.03 4.42
C PHE A 341 -5.21 -11.18 4.62
N ASP A 342 -5.32 -9.87 4.88
CA ASP A 342 -4.17 -8.93 4.93
C ASP A 342 -3.13 -9.36 5.98
N PHE A 343 -3.54 -9.90 7.14
CA PHE A 343 -2.64 -10.35 8.22
C PHE A 343 -1.93 -11.63 7.79
N ILE A 344 -2.42 -12.29 6.75
CA ILE A 344 -1.75 -13.46 6.13
C ILE A 344 -0.83 -13.00 4.99
N THR A 345 -1.34 -12.19 4.06
CA THR A 345 -0.66 -11.84 2.78
C THR A 345 0.33 -10.68 2.93
N ASP A 346 0.07 -9.72 3.82
CA ASP A 346 0.77 -8.40 3.76
C ASP A 346 1.50 -8.07 5.08
N LEU A 347 1.38 -8.89 6.12
CA LEU A 347 2.09 -8.66 7.39
C LEU A 347 2.77 -9.97 7.80
N SER A 348 3.88 -9.84 8.49
CA SER A 348 4.68 -10.99 8.98
C SER A 348 5.63 -10.51 10.08
N SER A 349 6.50 -11.41 10.53
CA SER A 349 7.60 -11.07 11.45
C SER A 349 8.50 -10.01 10.81
N LYS A 350 8.47 -9.80 9.49
CA LYS A 350 9.29 -8.75 8.82
C LYS A 350 8.69 -7.35 9.04
N SER A 351 7.45 -7.27 9.50
CA SER A 351 6.65 -6.01 9.53
C SER A 351 7.01 -5.18 10.76
N ASN A 352 7.06 -3.85 10.60
CA ASN A 352 7.24 -2.92 11.74
C ASN A 352 5.86 -2.34 12.09
N ALA A 353 5.80 -1.48 13.11
CA ALA A 353 4.54 -0.94 13.63
C ALA A 353 3.83 -0.10 12.56
N ARG A 354 4.59 0.61 11.73
CA ARG A 354 4.08 1.47 10.64
C ARG A 354 3.43 0.58 9.56
N ASP A 355 4.03 -0.57 9.23
CA ASP A 355 3.42 -1.60 8.36
C ASP A 355 2.10 -2.07 8.97
N PHE A 356 2.06 -2.42 10.27
CA PHE A 356 0.81 -2.89 10.91
C PHE A 356 -0.29 -1.85 10.67
N VAL A 357 0.02 -0.59 10.97
CA VAL A 357 -0.98 0.51 10.89
C VAL A 357 -1.43 0.63 9.43
N TYR A 358 -0.47 0.66 8.50
CA TYR A 358 -0.79 1.00 7.11
C TYR A 358 -1.63 -0.11 6.49
N ILE A 359 -1.38 -1.36 6.87
CA ILE A 359 -2.17 -2.51 6.35
C ILE A 359 -3.53 -2.54 7.03
N ILE A 360 -3.62 -2.29 8.33
CA ILE A 360 -4.95 -2.28 9.01
C ILE A 360 -5.81 -1.21 8.34
N LEU A 361 -5.23 -0.06 8.02
CA LEU A 361 -5.96 1.04 7.38
C LEU A 361 -6.42 0.66 5.96
N ARG A 362 -5.82 -0.32 5.29
CA ARG A 362 -6.19 -0.62 3.89
C ARG A 362 -7.65 -1.12 3.86
N TRP A 363 -8.02 -2.09 4.68
CA TRP A 363 -9.41 -2.59 4.68
C TRP A 363 -10.37 -1.45 5.04
N LEU A 364 -10.05 -0.70 6.10
CA LEU A 364 -10.97 0.34 6.62
C LEU A 364 -11.08 1.50 5.62
N THR A 365 -10.05 1.76 4.81
CA THR A 365 -10.10 2.83 3.78
C THR A 365 -10.93 2.39 2.58
N TYR A 366 -10.83 1.12 2.17
CA TYR A 366 -11.41 0.67 0.88
C TYR A 366 -12.77 0.00 1.03
N MET A 367 -13.14 -0.38 2.25
CA MET A 367 -14.42 -1.11 2.47
C MET A 367 -15.54 -0.13 2.16
N PRO A 368 -16.61 -0.54 1.44
CA PRO A 368 -17.75 0.35 1.20
C PRO A 368 -18.39 0.78 2.53
N TYR A 369 -18.98 1.97 2.55
CA TYR A 369 -19.71 2.51 3.71
C TYR A 369 -20.85 1.53 4.05
N GLY A 370 -21.00 1.17 5.31
CA GLY A 370 -22.00 0.20 5.81
C GLY A 370 -21.44 -1.21 5.81
N GLY A 371 -20.28 -1.45 5.19
CA GLY A 371 -19.64 -2.77 5.20
C GLY A 371 -19.21 -3.16 6.60
N ILE A 372 -19.21 -4.44 6.90
CA ILE A 372 -18.66 -5.02 8.15
C ILE A 372 -17.23 -5.46 7.90
N PRO A 373 -16.26 -4.90 8.65
CA PRO A 373 -14.89 -5.36 8.57
C PRO A 373 -14.74 -6.70 9.30
N ASN A 374 -13.75 -7.46 8.87
CA ASN A 374 -13.33 -8.74 9.48
C ASN A 374 -11.82 -8.82 9.41
N TRP A 375 -11.24 -9.68 10.25
CA TRP A 375 -9.77 -9.80 10.44
C TRP A 375 -9.44 -11.29 10.54
N VAL A 376 -8.60 -11.76 9.63
CA VAL A 376 -8.21 -13.19 9.61
C VAL A 376 -6.70 -13.26 9.81
N PHE A 377 -6.26 -14.07 10.78
CA PHE A 377 -4.84 -14.21 11.15
C PHE A 377 -4.30 -15.58 10.72
N GLY A 378 -5.17 -16.47 10.25
CA GLY A 378 -4.73 -17.82 9.89
C GLY A 378 -5.85 -18.63 9.27
N ASN A 379 -5.47 -19.72 8.63
CA ASN A 379 -6.46 -20.72 8.14
C ASN A 379 -5.69 -22.00 7.82
N HIS A 380 -6.39 -23.01 7.34
CA HIS A 380 -5.83 -24.33 7.00
C HIS A 380 -4.95 -24.27 5.74
N ASP A 381 -4.91 -23.13 5.03
CA ASP A 381 -4.11 -23.02 3.78
C ASP A 381 -2.82 -22.25 4.04
N ASN A 382 -2.57 -21.79 5.26
CA ASN A 382 -1.41 -20.91 5.55
C ASN A 382 -0.73 -21.33 6.84
N ASN A 383 0.53 -20.92 7.01
CA ASN A 383 1.31 -21.23 8.24
C ASN A 383 0.62 -20.56 9.44
N ARG A 384 0.77 -21.15 10.63
CA ARG A 384 0.07 -20.68 11.86
C ARG A 384 0.59 -19.29 12.25
N MET A 385 -0.30 -18.51 12.84
CA MET A 385 -0.08 -17.10 13.28
C MET A 385 1.26 -16.94 13.98
N PRO A 386 1.58 -17.71 15.05
CA PRO A 386 2.83 -17.50 15.79
C PRO A 386 4.09 -17.87 14.98
N THR A 387 3.93 -18.69 13.93
CA THR A 387 5.04 -19.07 13.03
C THR A 387 5.30 -17.97 12.00
N ARG A 388 4.24 -17.39 11.42
CA ARG A 388 4.38 -16.29 10.43
C ARG A 388 4.93 -15.06 11.16
N PHE A 389 4.48 -14.83 12.40
CA PHE A 389 4.92 -13.71 13.27
C PHE A 389 6.00 -14.25 14.21
N ARG A 390 5.86 -14.05 15.51
CA ARG A 390 6.79 -14.65 16.52
C ARG A 390 5.98 -15.19 17.69
N HIS A 391 6.57 -16.08 18.46
CA HIS A 391 5.92 -16.70 19.63
C HIS A 391 5.53 -15.61 20.64
N ASP A 392 6.32 -14.54 20.78
CA ASP A 392 6.09 -13.49 21.81
C ASP A 392 5.08 -12.43 21.31
N MET A 393 4.43 -12.63 20.15
CA MET A 393 3.46 -11.66 19.59
C MET A 393 2.04 -12.20 19.66
N VAL A 394 1.85 -13.44 20.12
CA VAL A 394 0.53 -14.12 20.09
C VAL A 394 -0.54 -13.25 20.72
N ASP A 395 -0.27 -12.72 21.93
CA ASP A 395 -1.30 -11.96 22.66
C ASP A 395 -1.61 -10.69 21.86
N GLY A 396 -0.60 -9.92 21.44
CA GLY A 396 -0.81 -8.67 20.69
C GLY A 396 -1.65 -8.92 19.45
N LEU A 397 -1.42 -10.02 18.74
CA LEU A 397 -2.15 -10.36 17.50
C LEU A 397 -3.59 -10.72 17.84
N ASN A 398 -3.85 -11.51 18.89
CA ASN A 398 -5.24 -11.80 19.32
C ASN A 398 -5.91 -10.50 19.77
N ILE A 399 -5.18 -9.59 20.40
CA ILE A 399 -5.80 -8.30 20.84
C ILE A 399 -6.24 -7.53 19.59
N ILE A 400 -5.36 -7.41 18.59
CA ILE A 400 -5.72 -6.69 17.33
C ILE A 400 -7.03 -7.29 16.81
N ASN A 401 -7.07 -8.60 16.66
CA ASN A 401 -8.23 -9.34 16.12
C ASN A 401 -9.50 -8.91 16.87
N MET A 402 -9.43 -8.91 18.20
CA MET A 402 -10.63 -8.70 19.05
C MET A 402 -11.00 -7.22 19.20
N LEU A 403 -10.03 -6.31 19.14
CA LEU A 403 -10.23 -4.87 19.46
C LEU A 403 -10.55 -4.05 18.20
N LEU A 404 -10.11 -4.48 17.01
CA LEU A 404 -10.52 -3.75 15.77
C LEU A 404 -12.02 -3.88 15.58
N PRO A 405 -12.66 -2.88 14.93
CA PRO A 405 -14.09 -2.92 14.68
C PRO A 405 -14.44 -4.15 13.84
N GLY A 406 -15.64 -4.68 14.05
CA GLY A 406 -16.24 -5.70 13.17
C GLY A 406 -16.03 -7.09 13.73
N VAL A 407 -15.68 -8.03 12.85
CA VAL A 407 -15.72 -9.48 13.13
C VAL A 407 -14.30 -10.00 13.33
N ALA A 408 -14.08 -10.72 14.43
CA ALA A 408 -12.82 -11.42 14.71
C ALA A 408 -12.95 -12.85 14.18
N VAL A 409 -11.99 -13.28 13.35
CA VAL A 409 -11.92 -14.68 12.83
C VAL A 409 -10.72 -15.34 13.51
N THR A 410 -10.98 -16.50 14.11
CA THR A 410 -9.95 -17.31 14.79
C THR A 410 -9.82 -18.64 14.06
N TYR A 411 -8.59 -19.01 13.71
CA TYR A 411 -8.32 -20.37 13.17
C TYR A 411 -7.93 -21.30 14.32
N GLN A 412 -8.58 -22.45 14.40
CA GLN A 412 -8.25 -23.57 15.31
C GLN A 412 -6.78 -23.49 15.79
N GLY A 413 -6.59 -23.22 17.08
CA GLY A 413 -5.25 -23.23 17.69
C GLY A 413 -4.74 -21.86 18.06
N GLU A 414 -5.24 -20.80 17.41
CA GLU A 414 -4.76 -19.42 17.68
C GLU A 414 -5.07 -19.02 19.13
N GLU A 415 -6.15 -19.55 19.70
CA GLU A 415 -6.61 -19.20 21.07
C GLU A 415 -5.61 -19.74 22.11
N ILE A 416 -4.73 -20.70 21.74
CA ILE A 416 -3.66 -21.23 22.65
C ILE A 416 -2.29 -21.03 22.02
N GLY A 417 -2.17 -20.27 20.92
CA GLY A 417 -0.87 -19.93 20.33
C GLY A 417 -0.13 -21.15 19.78
N MET A 418 -0.87 -22.09 19.18
CA MET A 418 -0.25 -23.26 18.50
C MET A 418 0.70 -22.78 17.39
N ARG A 419 1.86 -23.43 17.33
CA ARG A 419 2.88 -23.22 16.28
C ARG A 419 2.71 -24.31 15.21
N ASP A 420 3.16 -24.05 13.99
CA ASP A 420 3.31 -25.08 12.94
C ASP A 420 3.94 -26.32 13.57
N GLY A 421 3.38 -27.49 13.27
CA GLY A 421 3.99 -28.78 13.59
C GLY A 421 4.99 -29.16 12.52
N TYR A 422 6.07 -29.83 12.91
CA TYR A 422 6.98 -30.50 11.96
C TYR A 422 6.23 -31.64 11.27
N VAL A 423 6.35 -31.70 9.93
CA VAL A 423 5.81 -32.80 9.09
C VAL A 423 6.89 -33.14 8.06
N SER A 424 7.44 -34.36 8.12
CA SER A 424 8.47 -34.84 7.18
C SER A 424 7.88 -34.96 5.78
N TRP A 425 8.73 -35.03 4.76
CA TRP A 425 8.32 -35.44 3.39
C TRP A 425 7.46 -36.70 3.49
N GLU A 426 7.89 -37.68 4.27
CA GLU A 426 7.27 -39.03 4.40
C GLU A 426 5.84 -38.89 4.93
N ASP A 427 5.60 -37.92 5.81
CA ASP A 427 4.31 -37.76 6.54
C ASP A 427 3.39 -36.78 5.77
N THR A 428 3.89 -36.13 4.73
CA THR A 428 3.17 -35.06 3.98
C THR A 428 2.05 -35.72 3.16
N VAL A 429 0.82 -35.21 3.27
CA VAL A 429 -0.35 -35.74 2.54
C VAL A 429 -0.98 -34.63 1.69
N ASP A 430 -0.60 -33.36 1.90
CA ASP A 430 -1.17 -32.23 1.13
C ASP A 430 -0.86 -32.39 -0.38
N ILE A 431 -1.89 -32.60 -1.21
CA ILE A 431 -1.80 -32.69 -2.70
C ILE A 431 -0.98 -31.52 -3.27
N GLU A 432 -1.10 -30.31 -2.74
CA GLU A 432 -0.38 -29.13 -3.31
C GLU A 432 1.13 -29.37 -3.18
N ALA A 433 1.61 -29.84 -2.01
CA ALA A 433 3.04 -30.15 -1.77
C ALA A 433 3.45 -31.38 -2.58
N CYS A 434 2.60 -32.41 -2.63
CA CYS A 434 2.89 -33.66 -3.38
C CYS A 434 3.00 -33.36 -4.89
N ASN A 435 2.32 -32.33 -5.40
CA ASN A 435 2.25 -32.03 -6.86
C ASN A 435 3.34 -31.02 -7.24
N ARG A 436 3.55 -29.97 -6.44
CA ARG A 436 4.45 -28.85 -6.79
C ARG A 436 5.86 -29.07 -6.22
N GLY A 437 6.03 -30.01 -5.28
CA GLY A 437 7.21 -30.10 -4.40
C GLY A 437 7.92 -31.43 -4.52
N ASP A 438 9.14 -31.52 -3.97
CA ASP A 438 9.93 -32.77 -3.85
C ASP A 438 10.49 -32.86 -2.43
N PRO A 439 11.23 -33.92 -2.04
CA PRO A 439 11.76 -34.03 -0.68
C PRO A 439 12.59 -32.84 -0.14
N ASP A 440 12.97 -31.88 -1.01
CA ASP A 440 13.80 -30.70 -0.67
C ASP A 440 12.96 -29.42 -0.65
N THR A 441 11.86 -29.33 -1.41
CA THR A 441 11.13 -28.04 -1.64
C THR A 441 9.71 -28.07 -1.03
N TYR A 442 9.24 -29.24 -0.58
CA TYR A 442 7.81 -29.51 -0.21
C TYR A 442 7.33 -28.49 0.84
N HIS A 443 8.24 -28.04 1.70
CA HIS A 443 7.99 -27.09 2.82
C HIS A 443 7.53 -25.72 2.28
N LEU A 444 7.89 -25.38 1.04
CA LEU A 444 7.47 -24.11 0.39
C LEU A 444 5.96 -24.13 0.08
N TYR A 445 5.36 -25.31 -0.07
CA TYR A 445 3.97 -25.50 -0.59
C TYR A 445 3.03 -26.13 0.46
N SER A 446 3.54 -27.02 1.31
CA SER A 446 2.70 -27.89 2.17
C SER A 446 1.88 -27.06 3.16
N ARG A 447 0.58 -27.34 3.26
CA ARG A 447 -0.31 -26.72 4.24
C ARG A 447 -0.40 -27.60 5.49
N ASP A 448 0.25 -28.76 5.48
CA ASP A 448 0.12 -29.78 6.56
C ASP A 448 0.57 -29.19 7.91
N PRO A 449 1.64 -28.39 7.98
CA PRO A 449 2.10 -27.91 9.29
C PRO A 449 1.04 -27.12 10.10
N ALA A 450 0.04 -26.55 9.42
CA ALA A 450 -1.05 -25.75 10.04
C ALA A 450 -2.28 -26.61 10.28
N ARG A 451 -2.17 -27.91 9.98
CA ARG A 451 -3.29 -28.87 10.08
C ARG A 451 -3.00 -29.96 11.12
N THR A 452 -1.93 -29.83 11.90
CA THR A 452 -1.55 -30.86 12.91
C THR A 452 -2.63 -30.86 14.00
N PRO A 453 -2.90 -32.02 14.61
CA PRO A 453 -3.95 -32.12 15.61
C PRO A 453 -3.89 -31.07 16.72
N TYR A 454 -5.06 -30.61 17.14
CA TYR A 454 -5.27 -29.59 18.19
C TYR A 454 -4.76 -30.12 19.55
N HIS A 455 -4.12 -29.24 20.31
CA HIS A 455 -3.52 -29.60 21.62
C HIS A 455 -4.51 -29.37 22.76
N TRP A 456 -5.36 -30.35 23.06
CA TRP A 456 -6.30 -30.28 24.22
C TRP A 456 -5.54 -30.29 25.55
N ASP A 457 -4.51 -31.13 25.67
CA ASP A 457 -3.93 -31.49 26.99
C ASP A 457 -2.58 -32.18 26.76
N ASN A 458 -2.00 -32.78 27.80
CA ASN A 458 -0.65 -33.37 27.74
C ASN A 458 -0.76 -34.89 27.67
N SER A 459 -1.97 -35.42 27.42
CA SER A 459 -2.22 -36.87 27.25
C SER A 459 -1.73 -37.32 25.87
N THR A 460 -1.81 -38.62 25.59
CA THR A 460 -1.45 -39.20 24.28
C THR A 460 -2.01 -38.31 23.16
N SER A 461 -1.18 -37.98 22.18
CA SER A 461 -1.57 -37.21 20.98
C SER A 461 -2.21 -35.87 21.40
N ALA A 462 -1.73 -35.32 22.52
CA ALA A 462 -2.21 -34.05 23.12
C ALA A 462 -3.72 -34.07 23.35
N GLY A 463 -4.32 -35.25 23.56
CA GLY A 463 -5.75 -35.39 23.87
C GLY A 463 -6.62 -35.21 22.64
N PHE A 464 -6.03 -35.01 21.47
CA PHE A 464 -6.77 -35.03 20.17
C PHE A 464 -7.37 -36.42 19.96
N SER A 465 -6.56 -37.45 20.23
CA SER A 465 -6.92 -38.87 20.00
C SER A 465 -6.41 -39.74 21.16
N THR A 466 -7.07 -40.86 21.43
CA THR A 466 -6.53 -41.92 22.33
C THR A 466 -5.45 -42.70 21.58
N SER A 467 -5.40 -42.62 20.25
CA SER A 467 -4.38 -43.32 19.43
C SER A 467 -3.14 -42.46 19.24
N THR A 468 -1.96 -43.09 19.25
CA THR A 468 -0.67 -42.47 18.84
C THR A 468 -0.57 -42.34 17.31
N ASN A 469 -1.43 -43.00 16.53
CA ASN A 469 -1.38 -42.99 15.04
C ASN A 469 -2.39 -41.97 14.50
N THR A 470 -1.96 -40.73 14.37
CA THR A 470 -2.80 -39.57 13.98
C THR A 470 -2.57 -39.29 12.50
N TRP A 471 -3.56 -38.74 11.82
CA TRP A 471 -3.56 -38.66 10.34
C TRP A 471 -2.40 -37.74 9.90
N LEU A 472 -2.08 -36.76 10.74
CA LEU A 472 -0.83 -35.98 10.67
C LEU A 472 -0.19 -36.07 12.04
N PRO A 473 1.15 -35.99 12.13
CA PRO A 473 1.81 -36.09 13.43
C PRO A 473 1.48 -34.88 14.31
N VAL A 474 1.34 -35.15 15.60
CA VAL A 474 1.11 -34.12 16.66
C VAL A 474 2.41 -33.33 16.80
N ALA A 475 2.32 -32.01 16.84
CA ALA A 475 3.48 -31.10 17.00
C ALA A 475 4.29 -31.51 18.23
N GLU A 476 5.60 -31.29 18.20
CA GLU A 476 6.54 -31.75 19.25
C GLU A 476 6.32 -30.96 20.54
N ASP A 477 5.68 -29.77 20.50
CA ASP A 477 5.64 -28.81 21.64
C ASP A 477 4.33 -28.93 22.43
N TYR A 478 3.56 -30.00 22.28
CA TYR A 478 2.22 -30.09 22.92
C TYR A 478 2.31 -30.15 24.45
N GLN A 479 3.42 -30.63 25.02
CA GLN A 479 3.59 -30.65 26.51
C GLN A 479 3.60 -29.23 27.03
N GLU A 480 4.21 -28.32 26.25
CA GLU A 480 4.41 -26.88 26.60
C GLU A 480 3.17 -26.08 26.19
N ILE A 481 2.56 -26.43 25.06
CA ILE A 481 1.43 -25.64 24.47
C ILE A 481 0.19 -26.53 24.39
N ASN A 482 -0.70 -26.43 25.36
CA ASN A 482 -1.97 -27.18 25.33
C ASN A 482 -3.01 -26.44 26.17
N LEU A 483 -4.27 -26.61 25.79
CA LEU A 483 -5.39 -25.85 26.37
C LEU A 483 -5.49 -26.11 27.89
N ALA A 484 -5.41 -27.38 28.33
CA ALA A 484 -5.59 -27.73 29.76
C ALA A 484 -4.60 -26.94 30.62
N LYS A 485 -3.33 -26.92 30.20
CA LYS A 485 -2.25 -26.18 30.89
C LYS A 485 -2.59 -24.69 30.98
N GLN A 486 -3.11 -24.12 29.89
CA GLN A 486 -3.42 -22.67 29.80
C GLN A 486 -4.65 -22.33 30.66
N LYS A 487 -5.53 -23.28 30.90
CA LYS A 487 -6.71 -23.06 31.78
C LYS A 487 -6.30 -23.15 33.26
N GLU A 488 -5.22 -23.84 33.60
CA GLU A 488 -4.79 -24.04 35.01
CA GLU A 488 -4.83 -24.02 35.02
C GLU A 488 -3.91 -22.86 35.43
N THR A 489 -2.93 -22.53 34.60
CA THR A 489 -1.84 -21.57 34.90
C THR A 489 -2.47 -20.16 35.05
N ALA A 490 -1.82 -19.30 35.84
CA ALA A 490 -2.33 -17.95 36.20
C ALA A 490 -2.50 -17.11 34.92
N ARG A 491 -1.51 -17.15 34.04
CA ARG A 491 -1.42 -16.27 32.84
C ARG A 491 -1.23 -17.14 31.60
N SER A 492 -2.09 -16.96 30.60
CA SER A 492 -1.99 -17.76 29.36
C SER A 492 -2.62 -17.06 28.16
N HIS A 493 -2.22 -17.50 26.98
CA HIS A 493 -2.83 -17.06 25.70
C HIS A 493 -4.33 -17.27 25.81
N PHE A 494 -4.77 -18.44 26.27
CA PHE A 494 -6.21 -18.75 26.33
C PHE A 494 -6.95 -17.82 27.31
N LYS A 495 -6.38 -17.52 28.48
CA LYS A 495 -7.02 -16.61 29.46
CA LYS A 495 -7.08 -16.63 29.44
C LYS A 495 -7.15 -15.21 28.84
N ASN A 496 -6.12 -14.79 28.12
CA ASN A 496 -6.09 -13.50 27.40
C ASN A 496 -7.22 -13.51 26.36
N TYR A 497 -7.36 -14.61 25.62
CA TYR A 497 -8.38 -14.79 24.56
C TYR A 497 -9.78 -14.64 25.17
N GLN A 498 -10.04 -15.30 26.29
CA GLN A 498 -11.32 -15.21 27.04
C GLN A 498 -11.61 -13.77 27.47
N ALA A 499 -10.61 -13.07 28.03
CA ALA A 499 -10.78 -11.66 28.48
C ALA A 499 -11.12 -10.78 27.29
N LEU A 500 -10.51 -11.04 26.14
CA LEU A 500 -10.76 -10.22 24.92
C LEU A 500 -12.15 -10.50 24.35
N THR A 501 -12.57 -11.77 24.25
CA THR A 501 -13.93 -12.08 23.74
C THR A 501 -14.97 -11.46 24.68
N LYS A 502 -14.74 -11.53 25.99
CA LYS A 502 -15.65 -10.90 26.98
C LYS A 502 -15.73 -9.39 26.70
N LEU A 503 -14.59 -8.76 26.46
CA LEU A 503 -14.50 -7.28 26.26
C LEU A 503 -15.38 -6.87 25.09
N ARG A 504 -15.57 -7.74 24.09
CA ARG A 504 -16.36 -7.41 22.87
C ARG A 504 -17.83 -7.17 23.20
N LYS A 505 -18.28 -7.59 24.38
CA LYS A 505 -19.64 -7.28 24.88
C LYS A 505 -19.78 -5.79 25.13
N GLN A 506 -18.69 -5.06 25.37
CA GLN A 506 -18.76 -3.61 25.73
C GLN A 506 -19.15 -2.79 24.50
N ALA A 507 -20.07 -1.83 24.69
CA ALA A 507 -20.53 -0.86 23.67
C ALA A 507 -19.33 -0.19 22.99
N THR A 508 -18.25 0.09 23.71
CA THR A 508 -17.06 0.72 23.10
C THR A 508 -16.54 -0.14 21.94
N LEU A 509 -16.52 -1.46 22.08
CA LEU A 509 -16.00 -2.36 21.01
C LEU A 509 -17.06 -2.60 19.93
N SER A 510 -18.35 -2.68 20.30
CA SER A 510 -19.41 -2.98 19.30
C SER A 510 -19.74 -1.72 18.49
N HIS A 511 -19.67 -0.53 19.10
CA HIS A 511 -20.22 0.71 18.50
C HIS A 511 -19.20 1.86 18.50
N GLY A 512 -18.03 1.69 19.10
CA GLY A 512 -17.07 2.78 19.27
C GLY A 512 -16.38 3.13 17.98
N GLU A 513 -15.83 4.34 17.93
CA GLU A 513 -14.92 4.77 16.86
C GLU A 513 -13.58 4.05 17.05
N TYR A 514 -12.68 4.22 16.09
CA TYR A 514 -11.30 3.71 16.17
C TYR A 514 -10.36 4.83 15.74
N ASP A 515 -9.19 4.79 16.32
CA ASP A 515 -8.04 5.64 15.92
C ASP A 515 -6.82 4.75 16.00
N ILE A 516 -6.01 4.72 14.95
CA ILE A 516 -4.80 3.87 14.91
C ILE A 516 -3.66 4.65 14.27
N ARG A 517 -2.53 4.72 14.96
CA ARG A 517 -1.28 5.33 14.46
C ARG A 517 -0.10 4.65 15.14
N ALA A 518 1.05 4.77 14.50
CA ALA A 518 2.36 4.31 15.03
C ALA A 518 2.93 5.43 15.89
N LEU A 519 3.49 5.07 17.05
CA LEU A 519 4.25 6.00 17.93
C LEU A 519 5.72 5.98 17.51
N SER A 520 6.16 4.90 16.89
CA SER A 520 7.55 4.65 16.47
C SER A 520 7.55 3.55 15.42
N ASP A 521 8.71 3.17 14.91
CA ASP A 521 8.80 2.01 14.01
C ASP A 521 8.45 0.73 14.78
N ARG A 522 8.42 0.77 16.11
CA ARG A 522 8.31 -0.45 16.94
CA ARG A 522 8.31 -0.44 16.98
C ARG A 522 6.90 -0.59 17.55
N THR A 523 6.27 0.53 17.93
CA THR A 523 5.03 0.50 18.75
C THR A 523 3.91 1.24 18.05
N PHE A 524 2.69 0.68 18.05
CA PHE A 524 1.50 1.46 17.62
C PHE A 524 0.43 1.38 18.69
N TYR A 525 -0.56 2.26 18.55
CA TYR A 525 -1.77 2.27 19.38
C TYR A 525 -3.00 2.05 18.51
N LEU A 526 -4.00 1.43 19.14
CA LEU A 526 -5.38 1.36 18.63
C LEU A 526 -6.30 1.80 19.76
N VAL A 527 -7.03 2.88 19.54
CA VAL A 527 -7.97 3.41 20.56
C VAL A 527 -9.39 3.14 20.08
N ARG A 528 -10.18 2.44 20.90
CA ARG A 528 -11.65 2.40 20.72
C ARG A 528 -12.28 3.36 21.72
N SER A 529 -13.11 4.27 21.24
CA SER A 529 -13.67 5.35 22.09
C SER A 529 -15.14 5.54 21.71
N LEU A 530 -15.93 5.98 22.67
CA LEU A 530 -17.39 6.15 22.49
C LEU A 530 -17.86 7.02 23.64
N PRO A 531 -18.33 8.27 23.37
CA PRO A 531 -18.71 9.17 24.44
C PRO A 531 -19.64 8.51 25.46
N THR A 532 -19.33 8.71 26.75
CA THR A 532 -20.01 8.19 27.97
C THR A 532 -19.63 6.74 28.27
N HIS A 533 -18.84 6.06 27.42
CA HIS A 533 -18.43 4.66 27.65
C HIS A 533 -16.91 4.61 27.83
N ASP A 534 -16.41 3.57 28.48
CA ASP A 534 -14.97 3.43 28.79
C ASP A 534 -14.17 3.43 27.47
N THR A 535 -12.96 3.95 27.55
CA THR A 535 -12.00 4.01 26.43
C THR A 535 -11.09 2.81 26.53
N TYR A 536 -10.82 2.13 25.42
CA TYR A 536 -9.93 0.96 25.42
C TYR A 536 -8.79 1.21 24.46
N VAL A 537 -7.58 0.93 24.92
CA VAL A 537 -6.34 1.27 24.19
C VAL A 537 -5.44 0.03 24.11
N LEU A 538 -5.15 -0.40 22.90
CA LEU A 538 -4.02 -1.34 22.66
C LEU A 538 -2.75 -0.53 22.45
N LEU A 539 -1.68 -0.95 23.12
CA LEU A 539 -0.30 -0.55 22.81
C LEU A 539 0.47 -1.84 22.54
N PHE A 540 1.14 -1.91 21.39
CA PHE A 540 1.79 -3.14 20.91
C PHE A 540 3.15 -2.77 20.32
N ASN A 541 4.18 -3.29 20.95
CA ASN A 541 5.58 -3.30 20.47
C ASN A 541 5.75 -4.55 19.61
N VAL A 542 5.68 -4.39 18.29
CA VAL A 542 5.75 -5.54 17.36
C VAL A 542 7.22 -5.88 17.06
N SER A 543 8.15 -5.11 17.60
CA SER A 543 9.61 -5.25 17.31
C SER A 543 10.27 -6.29 18.21
N GLU A 544 11.54 -6.55 17.95
CA GLU A 544 12.39 -7.47 18.77
C GLU A 544 13.19 -6.67 19.80
N ARG A 545 12.94 -5.38 19.95
CA ARG A 545 13.69 -4.52 20.90
C ARG A 545 12.72 -3.76 21.81
N ARG A 546 13.18 -3.38 23.01
CA ARG A 546 12.42 -2.51 23.95
C ARG A 546 12.16 -1.16 23.26
N ASP A 547 11.03 -0.53 23.59
CA ASP A 547 10.63 0.78 23.01
C ASP A 547 10.01 1.63 24.11
N THR A 548 10.38 2.90 24.22
CA THR A 548 9.75 3.80 25.21
C THR A 548 8.92 4.82 24.43
N VAL A 549 7.67 5.00 24.84
CA VAL A 549 6.69 5.86 24.14
C VAL A 549 6.08 6.81 25.16
N ASP A 550 5.64 7.95 24.64
CA ASP A 550 4.90 8.99 25.37
C ASP A 550 3.40 8.77 25.17
N LEU A 551 2.72 8.26 26.20
CA LEU A 551 1.26 8.01 26.24
C LEU A 551 0.47 9.31 26.07
N GLY A 552 1.09 10.46 26.34
CA GLY A 552 0.49 11.79 26.07
C GLY A 552 0.12 11.95 24.60
N ARG A 553 0.79 11.21 23.70
CA ARG A 553 0.53 11.24 22.24
C ARG A 553 -0.73 10.44 21.89
N VAL A 554 -1.24 9.62 22.80
CA VAL A 554 -2.37 8.68 22.49
C VAL A 554 -3.67 9.43 22.67
N PRO A 555 -4.52 9.55 21.64
CA PRO A 555 -5.79 10.25 21.79
C PRO A 555 -6.74 9.55 22.77
N HIS A 556 -7.52 10.33 23.52
CA HIS A 556 -8.63 9.86 24.40
C HIS A 556 -8.11 9.04 25.58
N LEU A 557 -6.81 9.06 25.87
CA LEU A 557 -6.21 8.27 26.96
C LEU A 557 -5.86 9.24 28.08
N THR A 558 -6.62 9.21 29.17
CA THR A 558 -6.26 9.95 30.40
C THR A 558 -5.72 8.96 31.40
N LEU A 559 -4.65 9.36 32.10
CA LEU A 559 -4.03 8.53 33.17
C LEU A 559 -4.50 9.07 34.51
N PRO A 560 -4.60 8.23 35.56
CA PRO A 560 -4.24 6.82 35.47
C PRO A 560 -5.23 5.96 34.67
N ALA A 561 -4.72 4.87 34.09
CA ALA A 561 -5.54 3.86 33.41
C ALA A 561 -5.14 2.48 33.92
N THR A 562 -5.99 1.48 33.69
CA THR A 562 -5.87 0.11 34.26
C THR A 562 -5.55 -0.88 33.15
N VAL A 563 -4.57 -1.76 33.38
CA VAL A 563 -4.26 -2.90 32.46
C VAL A 563 -5.44 -3.86 32.54
N TYR A 564 -6.13 -4.06 31.41
CA TYR A 564 -7.24 -5.02 31.24
C TYR A 564 -6.66 -6.38 30.80
N VAL A 565 -5.74 -6.37 29.84
CA VAL A 565 -5.02 -7.57 29.36
C VAL A 565 -3.57 -7.19 29.16
N SER A 566 -2.65 -8.10 29.46
CA SER A 566 -1.22 -7.97 29.11
C SER A 566 -0.74 -9.26 28.45
N SER A 567 0.24 -9.16 27.54
CA SER A 567 0.99 -10.31 27.01
C SER A 567 1.46 -11.17 28.19
N ILE A 568 1.53 -12.48 28.00
CA ILE A 568 1.92 -13.43 29.09
C ILE A 568 3.33 -13.08 29.61
N HIS A 569 4.17 -12.41 28.83
CA HIS A 569 5.58 -12.07 29.22
C HIS A 569 5.71 -10.64 29.73
N SER A 570 4.64 -9.84 29.71
CA SER A 570 4.59 -8.47 30.29
C SER A 570 4.94 -8.53 31.79
N ALA A 571 5.69 -7.54 32.28
CA ALA A 571 5.88 -7.27 33.73
C ALA A 571 4.58 -6.77 34.36
N ARG A 572 3.61 -6.28 33.57
CA ARG A 572 2.32 -5.75 34.09
C ARG A 572 1.27 -6.86 34.12
N LEU A 573 0.53 -6.97 35.23
CA LEU A 573 -0.59 -7.94 35.37
C LEU A 573 -1.87 -7.15 35.15
N ALA A 574 -2.93 -7.82 34.65
CA ALA A 574 -4.30 -7.30 34.65
C ALA A 574 -4.56 -6.67 36.02
N GLY A 575 -5.02 -5.41 36.10
CA GLY A 575 -5.25 -4.71 37.37
C GLY A 575 -4.15 -3.70 37.71
N HIS A 576 -2.94 -3.87 37.17
CA HIS A 576 -1.85 -2.87 37.23
C HIS A 576 -2.39 -1.50 36.78
N GLU A 577 -1.99 -0.45 37.49
CA GLU A 577 -2.35 0.96 37.18
C GLU A 577 -1.20 1.57 36.40
N ILE A 578 -1.48 2.17 35.26
CA ILE A 578 -0.49 2.96 34.49
C ILE A 578 -0.69 4.41 34.93
N THR A 579 0.35 5.02 35.53
CA THR A 579 0.26 6.38 36.12
C THR A 579 1.23 7.31 35.41
N SER A 580 2.38 6.82 34.97
CA SER A 580 3.39 7.62 34.25
C SER A 580 3.06 7.68 32.75
N SER A 581 3.30 8.82 32.10
CA SER A 581 3.07 8.97 30.64
C SER A 581 4.25 8.40 29.83
N GLN A 582 5.39 8.07 30.46
CA GLN A 582 6.49 7.34 29.79
C GLN A 582 6.28 5.85 30.04
N LEU A 583 6.14 5.07 28.95
CA LEU A 583 5.85 3.63 29.02
C LEU A 583 6.91 2.90 28.20
N SER A 584 7.69 2.02 28.86
CA SER A 584 8.65 1.12 28.20
C SER A 584 7.94 -0.20 27.94
N LEU A 585 7.91 -0.65 26.69
CA LEU A 585 7.36 -1.97 26.30
C LEU A 585 8.52 -2.85 25.85
N GLU A 586 8.55 -4.08 26.35
CA GLU A 586 9.54 -5.09 25.88
C GLU A 586 9.12 -5.56 24.49
N ALA A 587 10.02 -6.22 23.78
CA ALA A 587 9.79 -6.89 22.49
C ALA A 587 8.49 -7.70 22.56
N GLY A 588 7.57 -7.50 21.62
CA GLY A 588 6.31 -8.28 21.53
C GLY A 588 5.28 -7.90 22.58
N GLU A 589 5.60 -7.02 23.53
CA GLU A 589 4.67 -6.70 24.65
C GLU A 589 3.48 -5.91 24.12
N ALA A 590 2.29 -6.35 24.49
CA ALA A 590 1.01 -5.67 24.21
C ALA A 590 0.27 -5.47 25.52
N LEU A 591 -0.38 -4.32 25.67
CA LEU A 591 -1.30 -4.03 26.79
C LEU A 591 -2.63 -3.58 26.20
N VAL A 592 -3.72 -4.00 26.80
CA VAL A 592 -5.01 -3.31 26.66
C VAL A 592 -5.20 -2.49 27.92
N LEU A 593 -5.35 -1.17 27.77
CA LEU A 593 -5.65 -0.26 28.89
C LEU A 593 -7.15 0.07 28.87
N LYS A 594 -7.77 0.03 30.03
CA LYS A 594 -9.14 0.57 30.28
C LYS A 594 -9.00 1.97 30.88
N ALA A 595 -9.55 2.97 30.21
CA ALA A 595 -9.41 4.39 30.61
C ALA A 595 -10.79 5.01 30.68
N GLN A 596 -10.91 6.14 31.37
CA GLN A 596 -12.23 6.76 31.64
C GLN A 596 -12.89 7.15 30.32
N PRO A 597 -14.25 7.23 30.31
CA PRO A 597 -14.99 7.67 29.13
C PRO A 597 -14.54 9.05 28.64
N ILE A 598 -14.67 9.29 27.33
CA ILE A 598 -14.66 10.66 26.74
C ILE A 598 -16.11 11.15 26.67
N PRO B 29 -13.73 30.10 25.40
CA PRO B 29 -12.27 29.98 25.69
C PRO B 29 -11.39 30.80 24.75
N PRO B 30 -10.47 31.67 25.25
CA PRO B 30 -9.57 32.41 24.36
C PRO B 30 -8.73 31.43 23.54
N PRO B 31 -8.35 31.78 22.30
CA PRO B 31 -7.51 30.89 21.50
C PRO B 31 -6.19 30.66 22.25
N THR B 32 -5.77 29.41 22.34
CA THR B 32 -4.43 29.03 22.85
C THR B 32 -3.35 29.68 21.99
N GLU B 33 -2.20 29.93 22.59
CA GLU B 33 -0.99 30.50 21.94
C GLU B 33 -0.21 29.33 21.34
N VAL B 34 0.47 29.56 20.23
CA VAL B 34 1.30 28.52 19.57
C VAL B 34 2.75 29.02 19.50
N ILE B 35 3.70 28.10 19.58
CA ILE B 35 5.15 28.41 19.40
C ILE B 35 5.42 28.52 17.89
N GLN B 36 6.06 29.60 17.47
CA GLN B 36 6.42 29.88 16.05
C GLN B 36 7.23 28.69 15.50
N LEU B 37 6.85 28.18 14.33
CA LEU B 37 7.63 27.11 13.65
C LEU B 37 8.79 27.77 12.90
N ASP B 38 9.94 27.10 12.85
CA ASP B 38 11.04 27.49 11.92
C ASP B 38 10.44 27.43 10.50
N TRP B 39 10.90 28.33 9.63
CA TRP B 39 10.29 28.67 8.33
C TRP B 39 10.11 27.43 7.46
N TRP B 40 11.06 26.49 7.53
CA TRP B 40 11.10 25.32 6.61
C TRP B 40 10.07 24.26 7.02
N LYS B 41 9.49 24.34 8.20
CA LYS B 41 8.55 23.31 8.71
C LYS B 41 7.16 23.47 8.09
N ASN B 42 6.82 24.64 7.55
CA ASN B 42 5.46 24.87 6.98
C ASN B 42 5.54 25.87 5.82
N CYS B 43 6.68 25.99 5.14
CA CYS B 43 6.83 26.91 4.00
C CYS B 43 5.96 26.42 2.84
N VAL B 44 5.42 27.34 2.06
CA VAL B 44 5.01 27.09 0.66
C VAL B 44 6.28 27.21 -0.18
N LEU B 45 6.70 26.10 -0.79
CA LEU B 45 7.95 26.01 -1.59
C LEU B 45 7.57 25.92 -3.07
N TYR B 46 8.07 26.83 -3.88
CA TYR B 46 7.70 26.94 -5.31
C TYR B 46 8.91 26.54 -6.15
N GLN B 47 8.74 25.57 -7.03
CA GLN B 47 9.80 25.19 -8.00
C GLN B 47 9.72 26.12 -9.19
N ILE B 48 10.73 26.99 -9.35
CA ILE B 48 10.95 27.77 -10.59
C ILE B 48 11.67 26.88 -11.59
N TYR B 49 11.19 26.88 -12.84
CA TYR B 49 11.89 26.31 -14.00
C TYR B 49 12.45 27.51 -14.74
N PRO B 50 13.69 27.95 -14.44
CA PRO B 50 14.13 29.30 -14.80
C PRO B 50 14.04 29.60 -16.30
N ARG B 51 14.28 28.59 -17.15
CA ARG B 51 14.21 28.73 -18.63
C ARG B 51 12.83 29.22 -19.05
N SER B 52 11.76 28.98 -18.26
CA SER B 52 10.36 29.23 -18.68
C SER B 52 9.63 30.23 -17.79
N PHE B 53 10.31 30.84 -16.81
CA PHE B 53 9.61 31.74 -15.87
C PHE B 53 9.48 33.14 -16.47
N LYS B 54 10.58 33.84 -16.73
CA LYS B 54 10.50 35.23 -17.26
C LYS B 54 11.79 35.56 -18.01
N ASP B 55 11.64 35.89 -19.29
CA ASP B 55 12.73 36.35 -20.17
C ASP B 55 12.81 37.87 -20.10
N SER B 56 13.94 38.41 -19.62
CA SER B 56 14.15 39.86 -19.41
C SER B 56 14.78 40.50 -20.66
N ASP B 57 15.37 39.73 -21.58
CA ASP B 57 16.36 40.28 -22.55
C ASP B 57 16.03 39.83 -23.98
N GLY B 58 14.80 39.38 -24.23
CA GLY B 58 14.23 39.17 -25.57
C GLY B 58 14.87 38.03 -26.35
N ASP B 59 15.61 37.11 -25.71
CA ASP B 59 16.22 35.94 -26.40
C ASP B 59 15.28 34.73 -26.34
N GLY B 60 14.08 34.89 -25.78
CA GLY B 60 13.09 33.80 -25.66
C GLY B 60 13.46 32.76 -24.60
N ILE B 61 14.47 33.05 -23.77
CA ILE B 61 15.01 32.14 -22.71
C ILE B 61 14.84 32.83 -21.36
N GLY B 62 14.17 32.18 -20.40
CA GLY B 62 13.99 32.74 -19.04
C GLY B 62 15.35 32.96 -18.40
N ASP B 63 15.47 33.93 -17.51
CA ASP B 63 16.78 34.31 -16.95
C ASP B 63 16.60 34.88 -15.55
N LEU B 64 17.72 35.15 -14.87
CA LEU B 64 17.72 35.59 -13.46
C LEU B 64 17.15 37.01 -13.35
N LYS B 65 17.46 37.93 -14.27
CA LYS B 65 16.86 39.28 -14.20
C LYS B 65 15.34 39.17 -14.34
N GLY B 66 14.84 38.27 -15.19
CA GLY B 66 13.40 37.94 -15.26
C GLY B 66 12.85 37.53 -13.90
N ILE B 67 13.47 36.58 -13.22
CA ILE B 67 12.99 36.10 -11.89
C ILE B 67 12.99 37.31 -10.95
N ILE B 68 14.06 38.08 -10.94
CA ILE B 68 14.18 39.26 -10.05
C ILE B 68 12.97 40.19 -10.27
N SER B 69 12.61 40.49 -11.53
CA SER B 69 11.52 41.43 -11.91
C SER B 69 10.18 40.91 -11.40
N GLU B 70 10.05 39.61 -11.11
CA GLU B 70 8.75 39.03 -10.69
C GLU B 70 8.82 38.41 -9.28
N LEU B 71 9.79 38.81 -8.45
CA LEU B 71 9.83 38.28 -7.05
C LEU B 71 8.54 38.68 -6.32
N LYS B 72 7.98 39.85 -6.64
CA LYS B 72 6.71 40.33 -6.05
C LYS B 72 5.58 39.28 -6.23
N HIS B 73 5.63 38.48 -7.30
CA HIS B 73 4.62 37.44 -7.57
C HIS B 73 4.60 36.44 -6.41
N PHE B 74 5.76 36.04 -5.91
CA PHE B 74 5.84 35.06 -4.79
C PHE B 74 5.14 35.65 -3.56
N VAL B 75 5.39 36.93 -3.26
CA VAL B 75 4.77 37.58 -2.07
C VAL B 75 3.25 37.60 -2.30
N ASP B 76 2.84 38.00 -3.50
CA ASP B 76 1.41 38.11 -3.88
C ASP B 76 0.73 36.74 -3.79
N ALA B 77 1.42 35.67 -4.24
CA ALA B 77 0.90 34.29 -4.23
C ALA B 77 0.87 33.72 -2.80
N GLY B 78 1.65 34.28 -1.88
CA GLY B 78 1.87 33.71 -0.54
C GLY B 78 2.89 32.58 -0.54
N VAL B 79 3.82 32.56 -1.48
CA VAL B 79 4.96 31.59 -1.51
C VAL B 79 6.01 32.07 -0.50
N ASP B 80 6.60 31.15 0.28
CA ASP B 80 7.60 31.50 1.31
C ASP B 80 9.03 31.28 0.79
N ALA B 81 9.21 30.33 -0.11
CA ALA B 81 10.56 29.85 -0.51
C ALA B 81 10.48 29.48 -1.97
N ILE B 82 11.56 29.76 -2.68
CA ILE B 82 11.67 29.33 -4.10
C ILE B 82 12.90 28.45 -4.22
N TRP B 83 12.82 27.45 -5.07
CA TRP B 83 14.04 26.77 -5.55
C TRP B 83 13.99 26.79 -7.06
N MET B 84 15.17 26.90 -7.65
CA MET B 84 15.35 26.90 -9.11
C MET B 84 15.92 25.55 -9.52
N SER B 85 15.38 24.97 -10.58
CA SER B 85 16.03 23.83 -11.24
C SER B 85 17.42 24.30 -11.63
N PRO B 86 18.37 23.41 -11.87
CA PRO B 86 19.77 23.82 -11.94
C PRO B 86 20.06 24.99 -12.89
N ILE B 87 20.92 25.90 -12.42
CA ILE B 87 21.36 27.13 -13.11
C ILE B 87 22.89 27.24 -13.08
N PHE B 88 23.61 26.18 -12.71
CA PHE B 88 25.10 26.21 -12.67
C PHE B 88 25.64 26.00 -14.09
N GLU B 89 26.85 26.49 -14.33
CA GLU B 89 27.61 26.31 -15.59
C GLU B 89 27.52 24.84 -16.05
N SER B 90 27.14 24.65 -17.32
CA SER B 90 26.73 23.33 -17.86
C SER B 90 26.91 23.33 -19.36
N PRO B 91 27.45 22.26 -19.98
CA PRO B 91 27.40 22.11 -21.44
C PRO B 91 25.97 21.86 -21.97
N MET B 92 25.01 21.63 -21.06
CA MET B 92 23.56 21.51 -21.31
C MET B 92 23.23 20.23 -22.10
N VAL B 93 24.08 19.21 -22.01
CA VAL B 93 23.83 17.87 -22.65
C VAL B 93 22.62 17.21 -21.97
N ASP B 94 22.46 17.39 -20.66
CA ASP B 94 21.26 16.93 -19.91
C ASP B 94 20.57 18.16 -19.30
N PHE B 95 20.57 19.27 -20.04
CA PHE B 95 19.80 20.49 -19.74
C PHE B 95 20.10 21.07 -18.35
N GLY B 96 21.35 20.99 -17.90
CA GLY B 96 21.82 21.68 -16.68
C GLY B 96 22.09 20.70 -15.56
N TYR B 97 21.65 19.44 -15.69
CA TYR B 97 21.94 18.37 -14.71
C TYR B 97 23.35 17.84 -14.93
N ASP B 98 24.01 18.27 -16.01
CA ASP B 98 25.42 17.95 -16.33
C ASP B 98 26.23 19.21 -15.99
N ILE B 99 26.69 19.31 -14.75
CA ILE B 99 27.32 20.56 -14.25
C ILE B 99 28.83 20.51 -14.47
N SER B 100 29.37 21.51 -15.18
CA SER B 100 30.82 21.60 -15.48
C SER B 100 31.54 22.53 -14.50
N ASN B 101 30.83 23.45 -13.85
CA ASN B 101 31.43 24.32 -12.81
C ASN B 101 30.36 24.57 -11.75
N PHE B 102 30.57 23.99 -10.57
CA PHE B 102 29.62 24.04 -9.44
C PHE B 102 29.71 25.39 -8.73
N TYR B 103 30.55 26.33 -9.20
CA TYR B 103 30.79 27.62 -8.52
C TYR B 103 30.38 28.81 -9.38
N ASP B 104 29.67 28.59 -10.48
CA ASP B 104 29.25 29.72 -11.36
C ASP B 104 27.93 29.40 -12.06
N ILE B 105 27.32 30.45 -12.60
CA ILE B 105 25.97 30.47 -13.22
C ILE B 105 26.11 30.21 -14.71
N HIS B 106 25.20 29.40 -15.27
CA HIS B 106 25.06 29.15 -16.72
C HIS B 106 24.74 30.47 -17.44
N TYR B 107 25.54 30.86 -18.43
CA TYR B 107 25.49 32.22 -19.05
C TYR B 107 24.07 32.55 -19.57
N GLU B 108 23.29 31.58 -20.07
CA GLU B 108 21.96 31.89 -20.64
C GLU B 108 21.01 32.46 -19.59
N TYR B 109 21.24 32.16 -18.30
CA TYR B 109 20.36 32.61 -17.19
C TYR B 109 20.89 33.91 -16.58
N GLY B 110 22.15 34.26 -16.87
CA GLY B 110 22.77 35.48 -16.35
C GLY B 110 24.10 35.20 -15.69
N THR B 111 24.45 36.05 -14.73
CA THR B 111 25.78 36.13 -14.08
C THR B 111 25.65 35.87 -12.58
N MET B 112 26.81 35.60 -11.96
CA MET B 112 26.96 35.55 -10.50
C MET B 112 26.39 36.83 -9.89
N GLU B 113 26.66 37.99 -10.51
CA GLU B 113 26.13 39.30 -10.04
C GLU B 113 24.59 39.26 -10.02
N ASP B 114 23.95 38.71 -11.06
CA ASP B 114 22.47 38.59 -11.14
C ASP B 114 21.96 37.69 -10.02
N PHE B 115 22.68 36.61 -9.74
CA PHE B 115 22.31 35.65 -8.69
C PHE B 115 22.36 36.35 -7.33
N GLU B 116 23.43 37.12 -7.08
CA GLU B 116 23.59 37.83 -5.78
CA GLU B 116 23.59 37.86 -5.79
C GLU B 116 22.48 38.90 -5.65
N GLU B 117 22.14 39.56 -6.75
CA GLU B 117 21.02 40.55 -6.78
C GLU B 117 19.71 39.81 -6.46
N LEU B 118 19.51 38.61 -7.00
CA LEU B 118 18.29 37.80 -6.71
C LEU B 118 18.21 37.51 -5.21
N LEU B 119 19.31 37.07 -4.59
CA LEU B 119 19.32 36.80 -3.13
C LEU B 119 18.96 38.10 -2.38
N ASP B 120 19.60 39.21 -2.73
CA ASP B 120 19.36 40.52 -2.03
CA ASP B 120 19.36 40.52 -2.03
C ASP B 120 17.87 40.88 -2.13
N LYS B 121 17.31 40.88 -3.33
CA LYS B 121 15.90 41.34 -3.54
C LYS B 121 14.90 40.35 -2.92
N ALA B 122 15.17 39.04 -3.04
CA ALA B 122 14.32 37.99 -2.43
C ALA B 122 14.30 38.17 -0.91
N HIS B 123 15.47 38.29 -0.30
CA HIS B 123 15.63 38.42 1.17
C HIS B 123 14.95 39.71 1.64
N GLU B 124 15.09 40.81 0.89
CA GLU B 124 14.38 42.09 1.20
C GLU B 124 12.86 41.82 1.26
N LEU B 125 12.33 40.96 0.40
CA LEU B 125 10.88 40.62 0.35
C LEU B 125 10.52 39.50 1.34
N GLY B 126 11.47 39.00 2.12
CA GLY B 126 11.28 37.94 3.14
C GLY B 126 11.25 36.53 2.58
N LEU B 127 11.61 36.35 1.31
CA LEU B 127 11.59 35.02 0.63
C LEU B 127 12.89 34.28 0.93
N LYS B 128 12.83 32.94 0.92
CA LYS B 128 14.02 32.07 0.99
C LYS B 128 14.31 31.58 -0.42
N VAL B 129 15.59 31.37 -0.73
CA VAL B 129 16.04 30.94 -2.07
C VAL B 129 16.93 29.72 -1.90
N LEU B 130 16.54 28.60 -2.53
CA LEU B 130 17.31 27.33 -2.50
C LEU B 130 17.90 27.08 -3.88
N LEU B 131 19.09 26.50 -3.91
CA LEU B 131 19.74 26.05 -5.15
C LEU B 131 19.59 24.54 -5.29
N ASP B 132 19.50 24.10 -6.52
CA ASP B 132 19.36 22.69 -6.93
C ASP B 132 20.65 22.26 -7.61
N PHE B 133 21.27 21.19 -7.13
CA PHE B 133 22.33 20.52 -7.91
C PHE B 133 22.31 19.03 -7.57
N VAL B 134 23.15 18.28 -8.29
CA VAL B 134 23.22 16.81 -8.28
C VAL B 134 24.58 16.45 -7.71
N PRO B 135 24.67 16.04 -6.44
CA PRO B 135 25.93 15.58 -5.88
C PRO B 135 26.51 14.34 -6.57
N ASN B 136 25.67 13.51 -7.20
CA ASN B 136 26.09 12.19 -7.68
C ASN B 136 27.17 12.33 -8.76
N HIS B 137 27.11 13.35 -9.62
CA HIS B 137 27.88 13.34 -10.88
C HIS B 137 28.18 14.76 -11.37
N ALA B 138 29.22 14.84 -12.19
CA ALA B 138 29.69 16.07 -12.84
C ALA B 138 29.72 15.82 -14.35
N SER B 139 29.59 16.90 -15.10
CA SER B 139 29.89 16.95 -16.55
C SER B 139 31.29 16.38 -16.80
N ASN B 140 31.45 15.61 -17.87
CA ASN B 140 32.77 15.18 -18.40
C ASN B 140 33.55 16.40 -18.93
N GLU B 141 32.95 17.61 -18.93
CA GLU B 141 33.67 18.86 -19.30
C GLU B 141 34.06 19.63 -18.03
N SER B 142 33.75 19.12 -16.84
CA SER B 142 34.26 19.70 -15.58
C SER B 142 35.79 19.56 -15.54
N GLU B 143 36.48 20.50 -14.90
CA GLU B 143 37.93 20.41 -14.61
C GLU B 143 38.16 19.14 -13.78
N TYR B 144 37.27 18.81 -12.85
CA TYR B 144 37.40 17.57 -12.04
C TYR B 144 37.64 16.40 -13.00
N PHE B 145 36.78 16.25 -14.00
CA PHE B 145 36.86 15.09 -14.92
C PHE B 145 38.10 15.19 -15.82
N ILE B 146 38.36 16.35 -16.43
CA ILE B 146 39.52 16.56 -17.35
CA ILE B 146 39.50 16.50 -17.37
C ILE B 146 40.78 16.08 -16.62
N LYS B 147 40.99 16.61 -15.43
CA LYS B 147 42.17 16.33 -14.57
C LYS B 147 42.17 14.87 -14.13
N SER B 148 41.00 14.32 -13.79
CA SER B 148 40.90 12.93 -13.27
C SER B 148 41.27 11.97 -14.40
N GLU B 149 40.75 12.22 -15.60
CA GLU B 149 41.01 11.36 -16.79
C GLU B 149 42.52 11.38 -17.11
N ALA B 150 43.17 12.51 -16.86
CA ALA B 150 44.62 12.75 -17.13
C ALA B 150 45.47 12.24 -15.96
N ARG B 151 44.83 11.62 -14.95
CA ARG B 151 45.49 11.09 -13.72
C ARG B 151 46.30 12.19 -13.05
N GLU B 152 45.80 13.42 -13.05
CA GLU B 152 46.47 14.52 -12.34
C GLU B 152 46.42 14.20 -10.85
N PRO B 153 47.56 14.35 -10.12
CA PRO B 153 47.59 14.09 -8.68
C PRO B 153 46.46 14.80 -7.92
N GLY B 154 45.76 14.07 -7.04
CA GLY B 154 44.62 14.57 -6.25
C GLY B 154 43.29 14.45 -6.98
N TYR B 155 43.29 14.09 -8.25
CA TYR B 155 42.06 13.95 -9.07
C TYR B 155 41.93 12.53 -9.62
N GLU B 156 42.97 11.69 -9.51
CA GLU B 156 42.99 10.36 -10.17
C GLU B 156 41.76 9.56 -9.73
N ASN B 157 41.38 9.64 -8.45
CA ASN B 157 40.34 8.81 -7.81
C ASN B 157 39.10 9.66 -7.48
N PHE B 158 38.92 10.78 -8.18
CA PHE B 158 37.73 11.65 -7.97
C PHE B 158 36.47 10.98 -8.51
N PHE B 159 36.62 10.13 -9.53
CA PHE B 159 35.50 9.39 -10.17
C PHE B 159 35.77 7.91 -10.02
N ILE B 160 34.79 7.08 -10.38
CA ILE B 160 34.89 5.60 -10.31
C ILE B 160 35.51 5.13 -11.63
N TRP B 161 36.77 4.71 -11.56
CA TRP B 161 37.59 4.23 -12.71
C TRP B 161 37.90 2.74 -12.50
N ALA B 162 37.73 1.93 -13.53
CA ALA B 162 37.83 0.46 -13.44
C ALA B 162 38.46 -0.09 -14.72
N ASP B 163 39.25 -1.16 -14.58
CA ASP B 163 39.81 -1.94 -15.70
C ASP B 163 38.71 -2.84 -16.25
N PRO B 164 38.86 -3.31 -17.50
CA PRO B 164 37.94 -4.30 -18.04
C PRO B 164 37.93 -5.53 -17.13
N LEU B 165 36.82 -6.27 -17.12
CA LEU B 165 36.75 -7.60 -16.48
C LEU B 165 37.62 -8.53 -17.32
N PRO B 166 38.61 -9.23 -16.70
CA PRO B 166 39.46 -10.15 -17.44
C PRO B 166 38.63 -11.12 -18.29
N ASN B 167 38.99 -11.29 -19.56
CA ASN B 167 38.27 -12.12 -20.56
C ASN B 167 39.24 -13.16 -21.14
N PRO B 168 39.75 -14.14 -20.35
CA PRO B 168 40.80 -15.05 -20.82
C PRO B 168 40.32 -15.99 -21.95
N GLU B 169 39.00 -16.17 -22.09
CA GLU B 169 38.35 -16.87 -23.23
C GLU B 169 38.70 -16.16 -24.55
N ASN B 170 38.32 -14.88 -24.70
CA ASN B 170 38.59 -14.04 -25.90
C ASN B 170 39.33 -12.78 -25.49
N PRO B 171 40.64 -12.85 -25.14
CA PRO B 171 41.36 -11.67 -24.66
C PRO B 171 41.27 -10.45 -25.61
N GLY B 172 40.91 -10.66 -26.88
CA GLY B 172 40.71 -9.60 -27.89
C GLY B 172 39.37 -8.89 -27.75
N VAL B 173 38.46 -9.40 -26.91
CA VAL B 173 37.13 -8.77 -26.62
C VAL B 173 37.20 -8.17 -25.20
N ARG B 174 37.04 -6.85 -25.11
CA ARG B 174 37.07 -6.09 -23.84
C ARG B 174 35.68 -6.20 -23.18
N LEU B 175 35.63 -6.66 -21.94
CA LEU B 175 34.37 -6.75 -21.14
C LEU B 175 34.31 -5.55 -20.21
N PRO B 176 33.12 -4.91 -20.03
CA PRO B 176 32.99 -3.90 -18.98
C PRO B 176 33.19 -4.53 -17.61
N PRO B 177 33.47 -3.70 -16.57
CA PRO B 177 33.75 -4.22 -15.23
C PRO B 177 32.59 -5.03 -14.63
N SER B 178 31.36 -4.75 -15.09
CA SER B 178 30.13 -5.40 -14.59
C SER B 178 28.97 -5.11 -15.55
N ASN B 179 27.83 -5.74 -15.29
CA ASN B 179 26.60 -5.69 -16.11
C ASN B 179 25.79 -4.43 -15.82
N TRP B 180 26.30 -3.51 -15.01
CA TRP B 180 25.47 -2.38 -14.50
C TRP B 180 24.88 -1.58 -15.66
N VAL B 181 23.60 -1.23 -15.54
CA VAL B 181 22.84 -0.52 -16.61
C VAL B 181 22.63 0.92 -16.18
N SER B 182 22.92 1.84 -17.09
CA SER B 182 22.67 3.29 -16.94
C SER B 182 21.16 3.56 -16.88
N GLN B 183 20.77 4.60 -16.13
CA GLN B 183 19.37 5.12 -16.12
C GLN B 183 18.95 5.53 -17.54
N PHE B 184 19.91 5.90 -18.40
CA PHE B 184 19.66 6.33 -19.79
C PHE B 184 19.70 5.13 -20.74
N GLY B 185 19.86 3.90 -20.21
CA GLY B 185 20.03 2.69 -21.04
C GLY B 185 21.48 2.46 -21.43
N GLY B 186 21.81 1.24 -21.87
CA GLY B 186 23.19 0.80 -22.16
C GLY B 186 24.01 0.63 -20.90
N SER B 187 25.31 0.38 -21.06
CA SER B 187 26.25 0.12 -19.94
C SER B 187 26.35 1.39 -19.07
N ALA B 188 26.48 1.23 -17.75
CA ALA B 188 26.86 2.33 -16.84
C ALA B 188 28.38 2.56 -16.91
N TRP B 189 29.08 1.82 -17.78
CA TRP B 189 30.56 1.90 -17.92
C TRP B 189 30.92 2.42 -19.31
N GLU B 190 31.68 3.50 -19.35
CA GLU B 190 32.14 4.15 -20.60
C GLU B 190 33.67 4.09 -20.65
N TRP B 191 34.22 3.59 -21.76
CA TRP B 191 35.68 3.51 -22.01
C TRP B 191 36.23 4.90 -22.25
N SER B 192 37.31 5.25 -21.55
CA SER B 192 38.15 6.45 -21.86
C SER B 192 39.35 5.98 -22.69
N GLU B 193 39.43 6.44 -23.94
CA GLU B 193 40.59 6.20 -24.84
C GLU B 193 41.83 6.78 -24.15
N LYS B 194 41.73 8.00 -23.60
CA LYS B 194 42.90 8.72 -23.00
C LYS B 194 43.41 7.92 -21.80
N ARG B 195 42.54 7.54 -20.87
CA ARG B 195 42.96 6.89 -19.61
C ARG B 195 43.09 5.38 -19.77
N GLN B 196 42.55 4.79 -20.83
CA GLN B 196 42.54 3.30 -21.02
C GLN B 196 41.97 2.65 -19.76
N GLN B 197 40.86 3.19 -19.25
CA GLN B 197 40.03 2.57 -18.18
C GLN B 197 38.56 2.93 -18.45
N TYR B 198 37.63 2.25 -17.79
CA TYR B 198 36.19 2.59 -17.82
C TYR B 198 35.90 3.58 -16.69
N TYR B 199 35.02 4.55 -16.92
CA TYR B 199 34.43 5.32 -15.81
C TYR B 199 32.94 4.94 -15.67
N LEU B 200 32.43 5.11 -14.47
CA LEU B 200 31.00 4.85 -14.13
C LEU B 200 30.18 6.09 -14.48
N HIS B 201 29.09 5.87 -15.18
CA HIS B 201 28.01 6.86 -15.35
C HIS B 201 26.68 6.16 -15.10
N GLN B 202 26.09 6.38 -13.92
CA GLN B 202 24.73 5.86 -13.67
C GLN B 202 23.73 6.63 -14.56
N PHE B 203 24.00 7.88 -14.92
CA PHE B 203 23.10 8.67 -15.81
C PHE B 203 23.73 8.71 -17.22
N ALA B 204 23.76 9.86 -17.88
CA ALA B 204 24.26 10.01 -19.27
C ALA B 204 25.78 9.74 -19.30
N ILE B 205 26.27 9.35 -20.48
CA ILE B 205 27.72 9.15 -20.74
C ILE B 205 28.49 10.41 -20.31
N GLN B 206 27.91 11.60 -20.42
CA GLN B 206 28.59 12.87 -20.07
C GLN B 206 28.44 13.23 -18.59
N GLN B 207 27.74 12.42 -17.79
CA GLN B 207 27.53 12.64 -16.33
C GLN B 207 28.36 11.59 -15.58
N VAL B 208 29.49 11.99 -15.01
CA VAL B 208 30.48 11.02 -14.44
C VAL B 208 30.27 10.93 -12.94
N ASP B 209 30.12 9.71 -12.43
CA ASP B 209 29.84 9.50 -10.99
C ASP B 209 31.10 9.79 -10.17
N PHE B 210 30.98 10.70 -9.21
CA PHE B 210 32.01 10.94 -8.18
C PHE B 210 32.17 9.69 -7.33
N ASP B 211 33.38 9.53 -6.81
CA ASP B 211 33.68 8.47 -5.83
C ASP B 211 33.43 9.02 -4.42
N PHE B 212 32.29 8.68 -3.81
CA PHE B 212 31.88 9.20 -2.47
C PHE B 212 32.58 8.47 -1.31
N ARG B 213 33.52 7.57 -1.63
CA ARG B 213 34.44 6.99 -0.61
C ARG B 213 35.76 7.75 -0.62
N ASN B 214 35.93 8.68 -1.56
CA ASN B 214 37.10 9.62 -1.58
C ASN B 214 36.84 10.78 -0.62
N PRO B 215 37.65 10.94 0.45
CA PRO B 215 37.52 12.09 1.34
C PRO B 215 37.61 13.42 0.57
N ALA B 216 38.34 13.47 -0.54
CA ALA B 216 38.50 14.74 -1.31
C ALA B 216 37.18 15.08 -1.99
N VAL B 217 36.38 14.07 -2.36
CA VAL B 217 35.07 14.29 -3.01
C VAL B 217 34.10 14.81 -1.95
N LYS B 218 34.09 14.21 -0.77
CA LYS B 218 33.19 14.64 0.33
C LYS B 218 33.55 16.08 0.73
N GLN B 219 34.86 16.38 0.81
CA GLN B 219 35.31 17.74 1.12
C GLN B 219 34.81 18.70 0.04
N GLU B 220 34.91 18.31 -1.24
CA GLU B 220 34.52 19.21 -2.35
C GLU B 220 33.02 19.52 -2.24
N MET B 221 32.20 18.56 -1.82
CA MET B 221 30.74 18.80 -1.67
C MET B 221 30.51 19.82 -0.56
N PHE B 222 31.24 19.72 0.56
CA PHE B 222 31.18 20.71 1.66
C PHE B 222 31.61 22.08 1.11
N ASN B 223 32.65 22.11 0.27
CA ASN B 223 33.23 23.38 -0.26
C ASN B 223 32.17 24.07 -1.15
N ILE B 224 31.54 23.30 -2.03
CA ILE B 224 30.44 23.80 -2.93
C ILE B 224 29.32 24.38 -2.07
N MET B 225 28.86 23.63 -1.08
CA MET B 225 27.73 24.08 -0.24
C MET B 225 28.16 25.32 0.55
N LYS B 226 29.36 25.30 1.11
CA LYS B 226 29.81 26.48 1.91
C LYS B 226 29.85 27.72 1.01
N PHE B 227 30.29 27.58 -0.22
CA PHE B 227 30.45 28.70 -1.17
C PHE B 227 29.09 29.38 -1.38
N TRP B 228 28.06 28.57 -1.68
CA TRP B 228 26.71 29.12 -1.96
C TRP B 228 26.05 29.65 -0.69
N LEU B 229 26.22 28.97 0.46
CA LEU B 229 25.71 29.48 1.75
C LEU B 229 26.38 30.82 2.05
N ASP B 230 27.69 30.94 1.81
CA ASP B 230 28.40 32.24 2.04
C ASP B 230 27.81 33.33 1.15
N LYS B 231 27.44 33.02 -0.11
CA LYS B 231 26.76 34.00 -1.00
C LYS B 231 25.42 34.39 -0.39
N GLY B 232 24.80 33.52 0.38
CA GLY B 232 23.51 33.82 1.04
C GLY B 232 22.38 32.87 0.70
N ALA B 233 22.62 31.74 0.05
CA ALA B 233 21.55 30.76 -0.26
C ALA B 233 20.95 30.24 1.04
N ASP B 234 19.66 29.96 1.07
CA ASP B 234 18.95 29.51 2.29
C ASP B 234 18.94 27.98 2.35
N GLY B 235 19.51 27.32 1.36
CA GLY B 235 19.64 25.86 1.37
C GLY B 235 19.68 25.26 0.00
N PHE B 236 19.52 23.96 -0.08
CA PHE B 236 19.72 23.17 -1.33
C PHE B 236 18.64 22.12 -1.48
N ARG B 237 18.32 21.85 -2.73
CA ARG B 237 17.65 20.62 -3.17
C ARG B 237 18.73 19.77 -3.83
N LEU B 238 18.99 18.59 -3.30
CA LEU B 238 20.08 17.72 -3.77
C LEU B 238 19.48 16.49 -4.45
N ASP B 239 19.80 16.32 -5.73
CA ASP B 239 19.19 15.29 -6.61
C ASP B 239 19.98 13.99 -6.67
N ALA B 240 19.27 12.93 -7.06
CA ALA B 240 19.81 11.62 -7.46
C ALA B 240 20.54 10.96 -6.29
N LEU B 241 20.13 11.22 -5.04
CA LEU B 241 20.90 10.70 -3.88
C LEU B 241 20.91 9.17 -3.82
N PRO B 242 19.87 8.43 -4.28
CA PRO B 242 19.93 6.96 -4.24
C PRO B 242 21.14 6.33 -4.94
N TYR B 243 21.73 7.04 -5.90
CA TYR B 243 22.83 6.53 -6.75
C TYR B 243 24.20 6.93 -6.20
N LEU B 244 24.30 7.56 -5.02
CA LEU B 244 25.62 8.10 -4.58
C LEU B 244 26.65 6.97 -4.58
N ILE B 245 26.37 5.87 -3.87
CA ILE B 245 27.43 4.86 -3.55
C ILE B 245 27.08 3.52 -4.20
N GLU B 246 28.10 2.88 -4.79
CA GLU B 246 27.99 1.54 -5.40
C GLU B 246 28.92 0.57 -4.65
N ALA B 247 28.78 -0.73 -4.91
CA ALA B 247 29.54 -1.76 -4.18
C ALA B 247 31.04 -1.45 -4.28
N ASP B 248 31.75 -1.63 -3.17
CA ASP B 248 33.23 -1.57 -3.12
C ASP B 248 33.77 -2.88 -3.68
N PRO B 249 34.56 -2.85 -4.77
CA PRO B 249 35.23 -4.05 -5.27
C PRO B 249 36.02 -4.83 -4.19
N ALA B 250 36.51 -4.17 -3.15
CA ALA B 250 37.23 -4.82 -2.02
C ALA B 250 36.34 -5.89 -1.39
N ASP B 251 35.00 -5.69 -1.43
CA ASP B 251 34.03 -6.61 -0.80
C ASP B 251 33.63 -7.73 -1.76
N HIS B 252 34.12 -7.74 -3.02
CA HIS B 252 33.71 -8.73 -4.04
C HIS B 252 34.94 -9.30 -4.76
N GLU B 253 36.00 -9.60 -4.00
CA GLU B 253 37.22 -10.31 -4.52
C GLU B 253 37.86 -9.45 -5.61
N GLY B 254 37.89 -8.13 -5.36
CA GLY B 254 38.58 -7.12 -6.18
C GLY B 254 37.89 -6.82 -7.50
N ARG B 255 36.62 -7.17 -7.68
CA ARG B 255 35.85 -6.83 -8.90
C ARG B 255 34.55 -6.07 -8.51
N TYR B 256 34.00 -5.34 -9.47
CA TYR B 256 32.63 -4.75 -9.36
C TYR B 256 31.62 -5.86 -9.59
N PRO B 257 30.78 -6.18 -8.59
CA PRO B 257 29.88 -7.32 -8.67
C PRO B 257 28.75 -7.00 -9.65
N ASP B 258 28.35 -7.96 -10.47
CA ASP B 258 27.13 -7.83 -11.31
C ASP B 258 25.93 -7.56 -10.39
N ASP B 259 25.04 -6.68 -10.84
CA ASP B 259 23.69 -6.52 -10.25
C ASP B 259 22.94 -7.81 -10.58
N PRO B 260 22.11 -8.32 -9.64
CA PRO B 260 21.24 -9.46 -9.92
C PRO B 260 20.34 -9.14 -11.12
N LEU B 261 19.98 -10.16 -11.89
CA LEU B 261 19.05 -10.03 -13.05
C LEU B 261 17.62 -9.97 -12.51
N SER B 262 16.77 -9.12 -13.12
CA SER B 262 15.33 -9.03 -12.78
C SER B 262 14.59 -10.31 -13.19
N GLY B 263 15.10 -11.02 -14.21
CA GLY B 263 14.45 -12.18 -14.82
C GLY B 263 13.12 -11.80 -15.45
N LEU B 264 12.99 -10.54 -15.91
CA LEU B 264 11.77 -10.04 -16.61
C LEU B 264 12.07 -10.03 -18.10
N THR B 265 11.34 -10.84 -18.87
CA THR B 265 11.64 -11.13 -20.31
C THR B 265 11.50 -9.88 -21.19
N GLN B 266 10.79 -8.82 -20.77
CA GLN B 266 10.56 -7.62 -21.62
C GLN B 266 11.84 -6.74 -21.71
N PHE B 267 12.85 -6.98 -20.86
CA PHE B 267 14.12 -6.19 -20.87
C PHE B 267 15.28 -7.06 -21.39
N GLU B 268 16.02 -6.52 -22.35
CA GLU B 268 17.33 -7.09 -22.79
C GLU B 268 18.43 -6.45 -21.96
N SER B 269 19.69 -6.85 -22.16
CA SER B 269 20.84 -6.53 -21.26
C SER B 269 21.19 -5.03 -21.32
N HIS B 270 20.74 -4.33 -22.36
CA HIS B 270 21.01 -2.88 -22.59
C HIS B 270 19.85 -2.01 -22.06
N GLN B 271 18.82 -2.61 -21.47
CA GLN B 271 17.57 -1.89 -21.12
C GLN B 271 17.44 -1.77 -19.59
N LEU B 272 17.17 -0.56 -19.12
CA LEU B 272 16.89 -0.28 -17.70
C LEU B 272 15.71 -1.17 -17.26
N GLY B 273 15.91 -1.99 -16.23
CA GLY B 273 14.94 -3.04 -15.84
C GLY B 273 15.56 -4.42 -15.92
N TYR B 274 16.60 -4.61 -16.73
CA TYR B 274 17.30 -5.91 -16.89
C TYR B 274 17.89 -6.37 -15.56
N THR B 275 18.35 -5.42 -14.74
CA THR B 275 18.99 -5.65 -13.43
C THR B 275 18.09 -5.15 -12.30
N ILE B 276 18.28 -5.74 -11.12
CA ILE B 276 17.86 -5.19 -9.80
C ILE B 276 19.08 -4.48 -9.23
N PRO B 277 18.98 -3.17 -8.90
CA PRO B 277 20.18 -2.40 -8.56
C PRO B 277 20.65 -2.62 -7.12
N LEU B 278 20.87 -3.89 -6.74
CA LEU B 278 21.28 -4.27 -5.37
C LEU B 278 22.59 -3.58 -4.99
N TYR B 279 23.51 -3.46 -5.96
CA TYR B 279 24.89 -2.99 -5.69
C TYR B 279 25.09 -1.57 -6.20
N THR B 280 24.04 -0.92 -6.72
CA THR B 280 24.19 0.39 -7.41
C THR B 280 23.20 1.43 -6.90
N LYS B 281 22.27 1.09 -6.00
CA LYS B 281 21.22 2.04 -5.53
C LYS B 281 20.80 1.71 -4.10
N ASP B 282 20.54 2.76 -3.33
CA ASP B 282 20.03 2.70 -1.94
C ASP B 282 21.03 1.99 -1.02
N LEU B 283 22.33 2.04 -1.30
CA LEU B 283 23.34 1.48 -0.37
C LEU B 283 23.32 2.25 0.95
N ILE B 284 23.43 1.55 2.06
CA ILE B 284 23.28 2.13 3.41
C ILE B 284 24.34 3.23 3.59
N GLU B 285 25.50 3.09 2.95
CA GLU B 285 26.62 4.07 3.02
C GLU B 285 26.17 5.45 2.52
N LEU B 286 25.22 5.56 1.58
CA LEU B 286 24.83 6.89 1.05
C LEU B 286 24.23 7.76 2.17
N TYR B 287 23.49 7.14 3.09
CA TYR B 287 22.83 7.85 4.22
C TYR B 287 23.87 8.47 5.13
N ASP B 288 25.01 7.83 5.33
CA ASP B 288 26.09 8.41 6.18
C ASP B 288 26.56 9.73 5.54
N VAL B 289 26.63 9.77 4.21
CA VAL B 289 27.02 11.01 3.48
C VAL B 289 25.98 12.10 3.78
N VAL B 290 24.70 11.74 3.72
CA VAL B 290 23.58 12.70 3.96
C VAL B 290 23.64 13.19 5.40
N TYR B 291 23.83 12.30 6.36
CA TYR B 291 23.90 12.69 7.81
C TYR B 291 25.10 13.63 8.01
N GLU B 292 26.20 13.40 7.31
CA GLU B 292 27.42 14.27 7.31
C GLU B 292 27.04 15.65 6.76
N TRP B 293 26.24 15.70 5.70
CA TRP B 293 25.77 16.99 5.12
C TRP B 293 24.92 17.73 6.14
N ARG B 294 24.02 17.03 6.83
CA ARG B 294 23.17 17.66 7.88
C ARG B 294 24.07 18.18 9.02
N GLU B 295 25.07 17.41 9.47
CA GLU B 295 26.00 17.86 10.55
C GLU B 295 26.68 19.18 10.12
N PHE B 296 27.20 19.21 8.90
CA PHE B 296 27.82 20.40 8.27
C PHE B 296 26.84 21.59 8.31
N LEU B 297 25.58 21.42 7.87
CA LEU B 297 24.58 22.53 7.88
C LEU B 297 24.29 22.96 9.31
N ASP B 298 24.09 22.02 10.22
CA ASP B 298 23.78 22.37 11.64
C ASP B 298 24.92 23.25 12.17
N GLU B 299 26.17 22.90 11.87
CA GLU B 299 27.37 23.61 12.38
C GLU B 299 27.42 25.00 11.70
N TYR B 300 27.20 25.06 10.40
CA TYR B 300 27.10 26.34 9.64
C TYR B 300 26.02 27.21 10.28
N ASN B 301 24.83 26.67 10.50
CA ASN B 301 23.70 27.43 11.08
C ASN B 301 24.10 27.96 12.47
N LYS B 302 24.69 27.12 13.30
CA LYS B 302 25.13 27.50 14.67
C LYS B 302 26.13 28.67 14.56
N ASN B 303 27.11 28.57 13.66
CA ASN B 303 28.21 29.56 13.52
C ASN B 303 27.78 30.80 12.71
N HIS B 304 26.56 30.90 12.16
CA HIS B 304 26.16 32.11 11.38
C HIS B 304 24.88 32.75 11.90
N GLY B 305 24.03 32.02 12.63
CA GLY B 305 22.73 32.58 13.02
C GLY B 305 21.88 32.90 11.80
N GLY B 306 20.91 33.79 11.96
CA GLY B 306 19.91 34.12 10.94
C GLY B 306 19.05 32.91 10.63
N ASP B 307 18.43 32.91 9.44
CA ASP B 307 17.43 31.89 9.03
C ASP B 307 18.12 30.53 8.83
N THR B 308 17.54 29.46 9.39
CA THR B 308 18.04 28.09 9.23
C THR B 308 18.25 27.78 7.75
N ARG B 309 19.43 27.26 7.42
CA ARG B 309 19.76 26.78 6.05
C ARG B 309 19.48 25.28 6.04
N VAL B 310 18.87 24.79 4.96
CA VAL B 310 18.25 23.44 4.92
C VAL B 310 18.77 22.63 3.73
N VAL B 311 18.57 21.32 3.77
CA VAL B 311 18.71 20.45 2.57
C VAL B 311 17.41 19.64 2.44
N PHE B 312 16.82 19.70 1.26
CA PHE B 312 15.68 18.84 0.87
C PHE B 312 16.23 17.85 -0.15
N SER B 313 16.06 16.55 0.11
CA SER B 313 16.68 15.50 -0.75
C SER B 313 15.66 14.98 -1.78
N GLU B 314 16.15 14.69 -2.98
CA GLU B 314 15.39 13.99 -4.03
C GLU B 314 15.92 12.57 -4.18
N GLY B 315 15.01 11.60 -4.06
CA GLY B 315 15.33 10.17 -4.23
C GLY B 315 14.04 9.41 -4.42
N TYR B 316 13.96 8.65 -5.52
CA TYR B 316 12.88 7.68 -5.79
C TYR B 316 13.35 6.34 -5.23
N ALA B 317 12.65 5.88 -4.21
CA ALA B 317 12.97 4.63 -3.51
C ALA B 317 11.74 4.14 -2.78
N ASN B 318 11.79 2.92 -2.26
CA ASN B 318 10.68 2.37 -1.45
C ASN B 318 10.53 3.21 -0.18
N VAL B 319 9.46 3.00 0.57
CA VAL B 319 9.11 3.90 1.71
CA VAL B 319 9.08 3.86 1.72
C VAL B 319 10.21 3.82 2.76
N SER B 320 10.70 2.62 3.07
CA SER B 320 11.75 2.43 4.10
C SER B 320 13.01 3.23 3.72
N MET B 321 13.48 3.07 2.49
CA MET B 321 14.70 3.76 2.01
C MET B 321 14.43 5.27 1.91
N THR B 322 13.19 5.69 1.62
CA THR B 322 12.86 7.13 1.54
C THR B 322 12.94 7.74 2.95
N MET B 323 12.38 7.09 3.95
CA MET B 323 12.29 7.67 5.31
C MET B 323 13.69 7.72 5.96
N LEU B 324 14.64 6.88 5.55
CA LEU B 324 16.03 6.87 6.09
C LEU B 324 16.73 8.20 5.74
N TYR B 325 16.25 8.97 4.76
CA TYR B 325 16.80 10.33 4.50
C TYR B 325 16.56 11.24 5.71
N TYR B 326 15.48 11.08 6.47
CA TYR B 326 15.19 11.98 7.61
C TYR B 326 16.24 11.75 8.71
N GLY B 327 16.72 10.53 8.82
CA GLY B 327 17.51 10.06 9.97
C GLY B 327 17.25 8.59 10.24
N ASN B 328 17.68 8.09 11.39
CA ASN B 328 17.51 6.65 11.71
C ASN B 328 17.21 6.51 13.21
N GLU B 329 16.91 5.28 13.63
CA GLU B 329 16.48 4.99 15.02
C GLU B 329 17.68 5.18 15.97
N ASP B 330 18.91 5.05 15.46
CA ASP B 330 20.15 5.25 16.27
C ASP B 330 20.37 6.74 16.55
N GLY B 331 19.51 7.64 16.05
CA GLY B 331 19.54 9.10 16.33
C GLY B 331 20.28 9.93 15.28
N ALA B 332 20.74 9.34 14.19
CA ALA B 332 21.29 10.12 13.06
C ALA B 332 20.18 11.04 12.54
N ILE B 333 20.53 12.24 12.09
CA ILE B 333 19.59 13.23 11.47
C ILE B 333 20.12 13.53 10.07
N GLY B 334 19.25 13.48 9.07
CA GLY B 334 19.64 13.73 7.67
C GLY B 334 18.96 14.97 7.14
N ALA B 335 18.36 14.85 5.97
CA ALA B 335 17.71 15.94 5.25
C ALA B 335 16.60 16.51 6.13
N HIS B 336 16.38 17.81 6.07
CA HIS B 336 15.21 18.48 6.70
C HIS B 336 13.95 17.73 6.24
N PHE B 337 13.89 17.32 4.97
CA PHE B 337 12.99 16.24 4.53
C PHE B 337 13.47 15.69 3.19
N PRO B 338 13.18 14.39 2.93
CA PRO B 338 13.19 13.85 1.58
C PRO B 338 11.88 14.26 0.90
N PHE B 339 11.93 14.57 -0.38
CA PHE B 339 10.71 14.91 -1.13
C PHE B 339 9.79 13.68 -1.20
N ASN B 340 8.50 13.95 -1.05
CA ASN B 340 7.38 12.97 -1.13
C ASN B 340 6.83 12.97 -2.56
N PHE B 341 7.11 11.94 -3.35
CA PHE B 341 6.67 11.87 -4.78
C PHE B 341 5.41 11.00 -4.91
N ASP B 342 4.74 10.70 -3.80
CA ASP B 342 3.62 9.71 -3.79
C ASP B 342 2.46 10.20 -4.69
N PHE B 343 2.21 11.49 -4.77
CA PHE B 343 1.12 12.03 -5.60
C PHE B 343 1.50 11.92 -7.09
N ILE B 344 2.79 11.82 -7.39
CA ILE B 344 3.29 11.66 -8.79
C ILE B 344 3.33 10.17 -9.16
N THR B 345 3.81 9.30 -8.26
CA THR B 345 4.02 7.86 -8.55
C THR B 345 2.75 7.05 -8.36
N ASP B 346 1.90 7.43 -7.42
CA ASP B 346 0.83 6.52 -6.94
C ASP B 346 -0.57 7.14 -7.07
N LEU B 347 -0.72 8.40 -7.49
CA LEU B 347 -2.05 8.98 -7.79
C LEU B 347 -2.06 9.37 -9.26
N SER B 348 -3.23 9.27 -9.88
CA SER B 348 -3.41 9.49 -11.32
C SER B 348 -4.87 9.91 -11.56
N SER B 349 -5.20 10.15 -12.82
CA SER B 349 -6.59 10.39 -13.28
C SER B 349 -7.47 9.16 -12.96
N LYS B 350 -6.90 8.00 -12.65
CA LYS B 350 -7.70 6.77 -12.36
C LYS B 350 -8.04 6.68 -10.86
N SER B 351 -7.39 7.48 -10.03
CA SER B 351 -7.55 7.40 -8.56
C SER B 351 -8.95 7.85 -8.15
N ASN B 352 -9.58 7.08 -7.27
CA ASN B 352 -10.87 7.45 -6.63
C ASN B 352 -10.55 8.03 -5.25
N ALA B 353 -11.58 8.42 -4.50
CA ALA B 353 -11.43 9.11 -3.20
C ALA B 353 -10.72 8.18 -2.21
N ARG B 354 -10.96 6.86 -2.29
CA ARG B 354 -10.35 5.87 -1.37
C ARG B 354 -8.86 5.79 -1.69
N ASP B 355 -8.49 5.86 -2.97
CA ASP B 355 -7.06 5.90 -3.40
C ASP B 355 -6.42 7.18 -2.86
N PHE B 356 -7.08 8.33 -3.00
CA PHE B 356 -6.52 9.62 -2.50
C PHE B 356 -6.20 9.48 -1.00
N VAL B 357 -7.16 8.95 -0.24
CA VAL B 357 -7.01 8.83 1.24
C VAL B 357 -5.84 7.89 1.54
N TYR B 358 -5.78 6.73 0.89
CA TYR B 358 -4.82 5.68 1.24
C TYR B 358 -3.40 6.14 0.88
N ILE B 359 -3.25 6.90 -0.21
CA ILE B 359 -1.91 7.40 -0.61
C ILE B 359 -1.51 8.53 0.33
N ILE B 360 -2.41 9.46 0.61
CA ILE B 360 -2.12 10.58 1.57
C ILE B 360 -1.64 9.98 2.89
N LEU B 361 -2.24 8.87 3.32
CA LEU B 361 -1.95 8.25 4.63
C LEU B 361 -0.56 7.60 4.63
N ARG B 362 0.04 7.32 3.47
CA ARG B 362 1.32 6.56 3.48
C ARG B 362 2.43 7.41 4.09
N TRP B 363 2.63 8.64 3.64
CA TRP B 363 3.70 9.50 4.23
C TRP B 363 3.42 9.69 5.72
N LEU B 364 2.18 10.05 6.05
CA LEU B 364 1.79 10.38 7.43
C LEU B 364 1.92 9.14 8.33
N THR B 365 1.80 7.93 7.80
CA THR B 365 1.91 6.68 8.60
C THR B 365 3.39 6.30 8.78
N TYR B 366 4.21 6.49 7.75
CA TYR B 366 5.60 5.95 7.73
C TYR B 366 6.63 6.98 8.19
N MET B 367 6.31 8.27 8.14
CA MET B 367 7.29 9.34 8.45
C MET B 367 7.66 9.23 9.94
N PRO B 368 8.95 9.35 10.29
CA PRO B 368 9.36 9.28 11.68
C PRO B 368 8.74 10.42 12.49
N TYR B 369 8.51 10.13 13.76
CA TYR B 369 7.95 11.09 14.73
C TYR B 369 8.80 12.37 14.72
N GLY B 370 8.16 13.52 14.56
CA GLY B 370 8.80 14.85 14.47
C GLY B 370 9.24 15.21 13.06
N GLY B 371 9.16 14.28 12.11
CA GLY B 371 9.46 14.57 10.70
C GLY B 371 8.50 15.60 10.17
N ILE B 372 8.92 16.37 9.18
CA ILE B 372 8.06 17.36 8.48
C ILE B 372 7.53 16.73 7.20
N PRO B 373 6.20 16.59 7.04
CA PRO B 373 5.63 16.07 5.79
C PRO B 373 5.73 17.14 4.70
N ASN B 374 5.78 16.70 3.46
CA ASN B 374 5.75 17.55 2.26
C ASN B 374 4.94 16.82 1.19
N TRP B 375 4.42 17.58 0.24
CA TRP B 375 3.42 17.13 -0.76
C TRP B 375 3.76 17.77 -2.10
N VAL B 376 3.77 16.97 -3.17
CA VAL B 376 4.21 17.43 -4.52
C VAL B 376 3.23 16.83 -5.53
N PHE B 377 2.58 17.67 -6.34
CA PHE B 377 1.70 17.21 -7.45
C PHE B 377 2.44 17.29 -8.80
N GLY B 378 3.50 18.09 -8.90
CA GLY B 378 4.06 18.42 -10.22
C GLY B 378 5.54 18.74 -10.18
N ASN B 379 6.14 18.65 -11.37
CA ASN B 379 7.49 19.13 -11.66
C ASN B 379 7.62 19.12 -13.19
N HIS B 380 8.81 19.45 -13.67
CA HIS B 380 9.10 19.64 -15.12
C HIS B 380 9.26 18.31 -15.83
N ASP B 381 9.13 17.18 -15.11
CA ASP B 381 9.30 15.82 -15.68
C ASP B 381 7.94 15.17 -15.87
N ASN B 382 6.86 15.84 -15.45
CA ASN B 382 5.51 15.23 -15.46
C ASN B 382 4.55 16.16 -16.17
N ASN B 383 3.46 15.58 -16.68
CA ASN B 383 2.30 16.36 -17.16
C ASN B 383 1.88 17.33 -16.05
N ARG B 384 1.50 18.53 -16.46
CA ARG B 384 0.97 19.55 -15.54
C ARG B 384 -0.33 19.03 -14.91
N MET B 385 -0.56 19.49 -13.69
CA MET B 385 -1.63 19.02 -12.79
C MET B 385 -2.96 18.82 -13.52
N PRO B 386 -3.54 19.82 -14.21
CA PRO B 386 -4.85 19.65 -14.83
C PRO B 386 -4.83 18.66 -16.01
N THR B 387 -3.69 18.54 -16.67
CA THR B 387 -3.51 17.58 -17.79
C THR B 387 -3.35 16.17 -17.21
N ARG B 388 -2.64 16.02 -16.09
CA ARG B 388 -2.40 14.68 -15.49
C ARG B 388 -3.65 14.16 -14.79
N PHE B 389 -4.45 15.06 -14.22
CA PHE B 389 -5.74 14.75 -13.55
C PHE B 389 -6.82 15.19 -14.52
N ARG B 390 -7.66 16.14 -14.13
CA ARG B 390 -8.71 16.74 -15.01
CA ARG B 390 -8.68 16.75 -15.02
C ARG B 390 -8.71 18.25 -14.74
N HIS B 391 -9.16 19.03 -15.71
CA HIS B 391 -9.23 20.51 -15.60
C HIS B 391 -10.09 20.89 -14.39
N ASP B 392 -11.16 20.13 -14.08
CA ASP B 392 -12.11 20.49 -13.00
C ASP B 392 -11.55 20.13 -11.61
N MET B 393 -10.32 19.62 -11.50
CA MET B 393 -9.78 19.13 -10.19
C MET B 393 -8.71 20.09 -9.64
N VAL B 394 -8.33 21.13 -10.39
CA VAL B 394 -7.16 21.99 -10.05
C VAL B 394 -7.33 22.55 -8.63
N ASP B 395 -8.51 23.09 -8.31
CA ASP B 395 -8.70 23.74 -7.00
C ASP B 395 -8.58 22.70 -5.89
N GLY B 396 -9.29 21.56 -6.00
CA GLY B 396 -9.22 20.52 -4.97
C GLY B 396 -7.79 20.04 -4.75
N LEU B 397 -7.02 19.89 -5.82
CA LEU B 397 -5.63 19.38 -5.69
C LEU B 397 -4.75 20.43 -4.99
N ASN B 398 -4.86 21.70 -5.39
CA ASN B 398 -4.18 22.82 -4.69
C ASN B 398 -4.63 22.86 -3.22
N ILE B 399 -5.91 22.61 -2.91
CA ILE B 399 -6.34 22.58 -1.48
C ILE B 399 -5.64 21.46 -0.71
N ILE B 400 -5.60 20.24 -1.26
CA ILE B 400 -4.93 19.11 -0.59
C ILE B 400 -3.51 19.55 -0.22
N ASN B 401 -2.76 20.12 -1.18
CA ASN B 401 -1.34 20.50 -1.03
C ASN B 401 -1.21 21.47 0.16
N MET B 402 -2.11 22.46 0.23
CA MET B 402 -2.06 23.58 1.21
C MET B 402 -2.65 23.20 2.59
N LEU B 403 -3.61 22.28 2.65
CA LEU B 403 -4.36 21.98 3.89
C LEU B 403 -3.75 20.79 4.67
N LEU B 404 -3.05 19.87 4.02
CA LEU B 404 -2.35 18.79 4.75
C LEU B 404 -1.27 19.45 5.60
N PRO B 405 -0.92 18.84 6.74
CA PRO B 405 0.12 19.39 7.59
C PRO B 405 1.45 19.38 6.84
N GLY B 406 2.28 20.36 7.14
CA GLY B 406 3.66 20.42 6.67
C GLY B 406 3.84 21.36 5.50
N VAL B 407 4.65 20.94 4.53
CA VAL B 407 5.16 21.80 3.45
C VAL B 407 4.40 21.51 2.17
N ALA B 408 3.88 22.56 1.54
CA ALA B 408 3.23 22.52 0.20
C ALA B 408 4.31 22.81 -0.83
N VAL B 409 4.49 21.92 -1.80
CA VAL B 409 5.40 22.17 -2.95
C VAL B 409 4.54 22.46 -4.18
N THR B 410 4.75 23.62 -4.79
CA THR B 410 4.03 24.06 -6.01
C THR B 410 5.02 24.04 -7.18
N TYR B 411 4.65 23.42 -8.29
CA TYR B 411 5.41 23.52 -9.55
C TYR B 411 4.90 24.74 -10.35
N GLN B 412 5.84 25.55 -10.83
CA GLN B 412 5.58 26.75 -11.68
C GLN B 412 4.37 26.53 -12.59
N GLY B 413 3.34 27.36 -12.43
CA GLY B 413 2.12 27.34 -13.26
C GLY B 413 0.93 26.69 -12.57
N GLU B 414 1.17 25.89 -11.53
CA GLU B 414 0.05 25.22 -10.83
C GLU B 414 -0.85 26.25 -10.16
N GLU B 415 -0.31 27.40 -9.76
CA GLU B 415 -1.09 28.45 -9.07
C GLU B 415 -2.10 29.08 -10.04
N ILE B 416 -1.97 28.90 -11.35
CA ILE B 416 -2.95 29.43 -12.34
C ILE B 416 -3.57 28.27 -13.14
N GLY B 417 -3.31 27.01 -12.78
CA GLY B 417 -3.85 25.84 -13.50
C GLY B 417 -3.34 25.73 -14.92
N MET B 418 -2.06 26.06 -15.20
CA MET B 418 -1.53 25.87 -16.57
C MET B 418 -1.70 24.40 -16.96
N ARG B 419 -2.05 24.18 -18.23
CA ARG B 419 -2.13 22.87 -18.91
C ARG B 419 -0.86 22.68 -19.73
N ASP B 420 -0.53 21.43 -20.01
CA ASP B 420 0.52 21.08 -20.99
C ASP B 420 0.27 21.88 -22.28
N GLY B 421 1.36 22.40 -22.85
CA GLY B 421 1.34 23.07 -24.15
C GLY B 421 1.52 22.07 -25.27
N TYR B 422 0.89 22.31 -26.43
CA TYR B 422 1.26 21.58 -27.66
C TYR B 422 2.69 21.94 -28.05
N VAL B 423 3.52 20.93 -28.27
CA VAL B 423 4.89 21.08 -28.84
C VAL B 423 5.04 20.08 -29.99
N SER B 424 5.27 20.61 -31.20
CA SER B 424 5.47 19.85 -32.47
C SER B 424 6.80 19.12 -32.39
N TRP B 425 6.98 18.09 -33.23
CA TRP B 425 8.30 17.42 -33.41
C TRP B 425 9.38 18.49 -33.63
N GLU B 426 9.12 19.42 -34.57
CA GLU B 426 10.10 20.42 -35.06
C GLU B 426 10.45 21.41 -33.94
N ASP B 427 9.53 21.63 -33.00
CA ASP B 427 9.70 22.59 -31.87
C ASP B 427 10.23 21.86 -30.63
N THR B 428 10.39 20.55 -30.69
CA THR B 428 10.80 19.73 -29.51
C THR B 428 12.27 20.04 -29.18
N VAL B 429 12.58 20.24 -27.91
CA VAL B 429 13.95 20.53 -27.40
C VAL B 429 14.47 19.28 -26.66
N ASP B 430 13.57 18.51 -26.06
CA ASP B 430 13.86 17.29 -25.25
C ASP B 430 13.97 16.04 -26.16
N ILE B 431 14.90 15.99 -27.13
CA ILE B 431 14.95 14.93 -28.19
C ILE B 431 15.54 13.62 -27.65
N GLY B 437 11.13 9.07 -30.24
CA GLY B 437 12.34 9.64 -30.86
C GLY B 437 12.13 10.12 -32.29
N ASP B 438 11.00 9.75 -32.93
CA ASP B 438 10.65 10.07 -34.35
C ASP B 438 9.34 10.86 -34.38
N PRO B 439 9.00 11.55 -35.51
CA PRO B 439 7.82 12.42 -35.57
C PRO B 439 6.48 11.80 -35.16
N ASP B 440 6.39 10.46 -35.12
CA ASP B 440 5.12 9.71 -34.86
C ASP B 440 4.98 9.38 -33.36
N THR B 441 6.09 9.17 -32.64
CA THR B 441 6.13 8.64 -31.25
C THR B 441 6.77 9.63 -30.25
N TYR B 442 7.29 10.77 -30.73
CA TYR B 442 8.11 11.74 -29.93
C TYR B 442 7.34 12.18 -28.68
N HIS B 443 6.00 12.31 -28.80
CA HIS B 443 5.07 12.86 -27.78
C HIS B 443 4.98 11.94 -26.56
N LEU B 444 5.29 10.64 -26.72
CA LEU B 444 5.31 9.67 -25.60
C LEU B 444 6.54 9.89 -24.70
N TYR B 445 7.60 10.52 -25.21
CA TYR B 445 8.89 10.71 -24.48
C TYR B 445 9.05 12.16 -23.99
N SER B 446 8.70 13.16 -24.81
CA SER B 446 9.05 14.58 -24.55
C SER B 446 8.42 15.09 -23.25
N ARG B 447 9.21 15.82 -22.45
CA ARG B 447 8.74 16.49 -21.20
C ARG B 447 8.45 17.97 -21.49
N ASP B 448 8.62 18.40 -22.74
CA ASP B 448 8.50 19.82 -23.15
C ASP B 448 7.11 20.37 -22.84
N PRO B 449 6.00 19.62 -23.06
CA PRO B 449 4.68 20.20 -22.83
C PRO B 449 4.48 20.81 -21.42
N ALA B 450 5.20 20.30 -20.41
CA ALA B 450 5.08 20.78 -19.00
C ALA B 450 6.09 21.90 -18.72
N ARG B 451 6.85 22.33 -19.73
CA ARG B 451 7.98 23.29 -19.57
C ARG B 451 7.76 24.52 -20.43
N THR B 452 6.59 24.66 -21.04
CA THR B 452 6.29 25.84 -21.88
C THR B 452 6.24 27.07 -21.02
N PRO B 453 6.53 28.24 -21.62
CA PRO B 453 6.63 29.47 -20.86
C PRO B 453 5.39 29.81 -20.06
N TYR B 454 5.64 30.38 -18.89
CA TYR B 454 4.63 30.81 -17.92
C TYR B 454 3.73 31.88 -18.51
N HIS B 455 2.42 31.77 -18.23
CA HIS B 455 1.38 32.68 -18.76
C HIS B 455 1.15 33.85 -17.80
N TRP B 456 1.93 34.93 -17.96
CA TRP B 456 1.75 36.16 -17.16
C TRP B 456 0.46 36.87 -17.56
N ASP B 457 0.19 36.96 -18.87
CA ASP B 457 -0.90 37.81 -19.41
C ASP B 457 -1.20 37.42 -20.86
N ASN B 458 -2.06 38.21 -21.54
CA ASN B 458 -2.49 37.96 -22.95
C ASN B 458 -1.68 38.81 -23.92
N SER B 459 -0.57 39.41 -23.49
CA SER B 459 0.41 40.12 -24.36
C SER B 459 1.20 39.08 -25.17
N THR B 460 2.04 39.55 -26.08
CA THR B 460 2.89 38.70 -26.95
C THR B 460 3.58 37.63 -26.09
N SER B 461 3.56 36.37 -26.50
CA SER B 461 4.26 35.26 -25.80
C SER B 461 3.80 35.19 -24.33
N ALA B 462 2.55 35.58 -24.06
CA ALA B 462 1.89 35.58 -22.74
C ALA B 462 2.68 36.41 -21.70
N GLY B 463 3.45 37.41 -22.15
CA GLY B 463 4.20 38.29 -21.24
C GLY B 463 5.43 37.62 -20.66
N PHE B 464 5.74 36.40 -21.08
CA PHE B 464 6.99 35.68 -20.75
C PHE B 464 8.18 36.40 -21.39
N SER B 465 7.98 36.95 -22.59
CA SER B 465 9.07 37.51 -23.44
C SER B 465 8.47 38.60 -24.32
N THR B 466 9.28 39.60 -24.68
CA THR B 466 8.94 40.57 -25.75
C THR B 466 9.08 39.89 -27.11
N SER B 467 9.83 38.79 -27.19
CA SER B 467 10.08 38.03 -28.44
C SER B 467 9.00 36.97 -28.66
N THR B 468 8.66 36.70 -29.93
CA THR B 468 7.75 35.59 -30.35
C THR B 468 8.55 34.30 -30.46
N ASN B 469 9.89 34.38 -30.48
CA ASN B 469 10.76 33.20 -30.69
C ASN B 469 11.18 32.64 -29.31
N THR B 470 10.20 32.07 -28.57
CA THR B 470 10.39 31.50 -27.22
C THR B 470 11.03 30.12 -27.36
N TRP B 471 11.83 29.70 -26.39
CA TRP B 471 12.67 28.50 -26.52
C TRP B 471 11.78 27.26 -26.72
N LEU B 472 10.60 27.30 -26.12
CA LEU B 472 9.48 26.39 -26.46
C LEU B 472 8.31 27.29 -26.81
N PRO B 473 7.38 26.80 -27.65
CA PRO B 473 6.21 27.61 -28.03
C PRO B 473 5.33 27.83 -26.78
N VAL B 474 4.70 29.00 -26.72
CA VAL B 474 3.69 29.34 -25.70
C VAL B 474 2.43 28.52 -25.99
N ALA B 475 1.86 27.88 -24.98
CA ALA B 475 0.63 27.06 -25.09
C ALA B 475 -0.47 27.91 -25.74
N GLU B 476 -1.32 27.26 -26.53
CA GLU B 476 -2.37 27.92 -27.38
C GLU B 476 -3.46 28.54 -26.50
N ASP B 477 -3.60 28.11 -25.24
CA ASP B 477 -4.69 28.59 -24.33
C ASP B 477 -4.24 29.78 -23.46
N TYR B 478 -3.09 30.42 -23.76
CA TYR B 478 -2.53 31.48 -22.88
C TYR B 478 -3.51 32.66 -22.76
N GLN B 479 -4.34 32.93 -23.79
CA GLN B 479 -5.29 34.08 -23.74
C GLN B 479 -6.42 33.75 -22.74
N GLU B 480 -6.75 32.48 -22.52
CA GLU B 480 -7.79 32.05 -21.55
C GLU B 480 -7.18 31.82 -20.16
N ILE B 481 -5.97 31.26 -20.09
CA ILE B 481 -5.34 30.83 -18.82
C ILE B 481 -4.08 31.66 -18.59
N ASN B 482 -4.19 32.77 -17.85
CA ASN B 482 -3.00 33.61 -17.56
C ASN B 482 -3.22 34.30 -16.23
N LEU B 483 -2.11 34.70 -15.60
CA LEU B 483 -2.13 35.26 -14.23
C LEU B 483 -2.91 36.58 -14.21
N ALA B 484 -2.66 37.49 -15.15
CA ALA B 484 -3.30 38.82 -15.13
C ALA B 484 -4.82 38.65 -15.14
N LYS B 485 -5.34 37.77 -16.00
CA LYS B 485 -6.80 37.51 -16.11
C LYS B 485 -7.34 36.98 -14.79
N GLN B 486 -6.62 36.07 -14.14
CA GLN B 486 -7.08 35.42 -12.89
C GLN B 486 -7.05 36.44 -11.74
N LYS B 487 -6.21 37.47 -11.83
CA LYS B 487 -6.19 38.54 -10.80
C LYS B 487 -7.36 39.50 -11.04
N GLU B 488 -7.84 39.60 -12.28
CA GLU B 488 -8.89 40.59 -12.67
C GLU B 488 -10.27 40.00 -12.36
N THR B 489 -10.48 38.72 -12.65
CA THR B 489 -11.78 38.02 -12.53
C THR B 489 -12.10 37.70 -11.05
N ALA B 490 -13.38 37.64 -10.70
CA ALA B 490 -13.86 37.58 -9.30
C ALA B 490 -13.45 36.22 -8.69
N ARG B 491 -13.56 35.14 -9.46
CA ARG B 491 -13.16 33.77 -9.03
C ARG B 491 -12.10 33.20 -9.96
N SER B 492 -11.04 32.61 -9.40
CA SER B 492 -9.97 32.04 -10.24
C SER B 492 -9.09 31.08 -9.42
N HIS B 493 -8.37 30.23 -10.13
CA HIS B 493 -7.39 29.30 -9.52
C HIS B 493 -6.44 30.12 -8.65
N PHE B 494 -5.96 31.24 -9.18
CA PHE B 494 -4.95 32.08 -8.50
C PHE B 494 -5.54 32.66 -7.22
N LYS B 495 -6.76 33.20 -7.25
CA LYS B 495 -7.41 33.72 -6.02
C LYS B 495 -7.60 32.60 -4.99
N ASN B 496 -7.89 31.38 -5.44
CA ASN B 496 -8.07 30.20 -4.54
C ASN B 496 -6.72 29.88 -3.91
N TYR B 497 -5.68 29.92 -4.73
CA TYR B 497 -4.29 29.68 -4.29
C TYR B 497 -3.92 30.69 -3.19
N GLN B 498 -4.19 31.96 -3.43
CA GLN B 498 -3.94 33.08 -2.48
C GLN B 498 -4.71 32.85 -1.17
N ALA B 499 -6.00 32.49 -1.24
CA ALA B 499 -6.82 32.26 -0.03
C ALA B 499 -6.25 31.08 0.77
N LEU B 500 -5.70 30.06 0.09
CA LEU B 500 -5.13 28.87 0.76
C LEU B 500 -3.77 29.21 1.42
N THR B 501 -2.89 29.96 0.75
CA THR B 501 -1.57 30.29 1.35
C THR B 501 -1.83 31.20 2.55
N LYS B 502 -2.81 32.09 2.44
CA LYS B 502 -3.21 32.97 3.59
C LYS B 502 -3.72 32.10 4.74
N LEU B 503 -4.53 31.07 4.44
CA LEU B 503 -5.13 30.20 5.49
C LEU B 503 -4.01 29.47 6.27
N ARG B 504 -2.88 29.19 5.63
CA ARG B 504 -1.76 28.48 6.31
C ARG B 504 -1.18 29.30 7.47
N LYS B 505 -1.45 30.60 7.54
CA LYS B 505 -1.04 31.44 8.71
C LYS B 505 -1.88 31.10 9.95
N GLN B 506 -3.07 30.49 9.80
CA GLN B 506 -3.92 30.12 10.96
C GLN B 506 -3.26 28.99 11.76
N ALA B 507 -3.32 29.08 13.08
CA ALA B 507 -2.81 28.05 14.02
C ALA B 507 -3.36 26.67 13.66
N THR B 508 -4.62 26.59 13.23
CA THR B 508 -5.22 25.28 12.88
C THR B 508 -4.41 24.60 11.77
N LEU B 509 -3.85 25.34 10.81
CA LEU B 509 -3.07 24.69 9.73
C LEU B 509 -1.61 24.50 10.12
N SER B 510 -1.01 25.42 10.86
CA SER B 510 0.42 25.31 11.28
C SER B 510 0.54 24.26 12.38
N HIS B 511 -0.44 24.13 13.29
CA HIS B 511 -0.30 23.28 14.50
C HIS B 511 -1.44 22.27 14.70
N GLY B 512 -2.48 22.31 13.89
CA GLY B 512 -3.68 21.48 14.10
C GLY B 512 -3.44 20.01 13.82
N GLU B 513 -4.26 19.17 14.42
CA GLU B 513 -4.34 17.74 14.07
C GLU B 513 -4.93 17.60 12.66
N TYR B 514 -4.95 16.38 12.15
CA TYR B 514 -5.60 16.03 10.87
C TYR B 514 -6.44 14.77 11.10
N ASP B 515 -7.54 14.68 10.36
CA ASP B 515 -8.37 13.47 10.19
C ASP B 515 -8.76 13.38 8.71
N ILE B 516 -8.52 12.24 8.09
CA ILE B 516 -8.84 12.02 6.66
C ILE B 516 -9.46 10.63 6.50
N ARG B 517 -10.63 10.60 5.87
CA ARG B 517 -11.32 9.37 5.44
C ARG B 517 -12.16 9.67 4.21
N ALA B 518 -12.44 8.61 3.46
CA ALA B 518 -13.34 8.69 2.29
C ALA B 518 -14.77 8.54 2.80
N LEU B 519 -15.67 9.33 2.25
CA LEU B 519 -17.13 9.19 2.52
C LEU B 519 -17.76 8.22 1.52
N SER B 520 -17.15 8.08 0.34
CA SER B 520 -17.63 7.23 -0.77
C SER B 520 -16.45 6.93 -1.69
N ASP B 521 -16.69 6.20 -2.76
CA ASP B 521 -15.69 6.01 -3.83
C ASP B 521 -15.32 7.35 -4.47
N ARG B 522 -16.17 8.37 -4.33
CA ARG B 522 -16.06 9.67 -5.07
C ARG B 522 -15.51 10.79 -4.20
N THR B 523 -15.91 10.88 -2.92
CA THR B 523 -15.68 12.06 -2.06
C THR B 523 -14.94 11.66 -0.79
N PHE B 524 -13.94 12.47 -0.43
CA PHE B 524 -13.25 12.31 0.87
C PHE B 524 -13.25 13.64 1.61
N TYR B 525 -13.02 13.56 2.92
CA TYR B 525 -12.83 14.74 3.77
C TYR B 525 -11.40 14.79 4.30
N LEU B 526 -10.94 16.01 4.53
CA LEU B 526 -9.72 16.28 5.33
C LEU B 526 -10.06 17.38 6.34
N VAL B 527 -9.92 17.06 7.60
CA VAL B 527 -10.26 17.97 8.73
C VAL B 527 -8.97 18.32 9.46
N ARG B 528 -8.68 19.61 9.50
CA ARG B 528 -7.68 20.20 10.41
C ARG B 528 -8.44 20.78 11.59
N SER B 529 -8.08 20.38 12.81
CA SER B 529 -8.75 20.84 14.04
C SER B 529 -7.71 21.16 15.11
N LEU B 530 -8.06 22.01 16.07
CA LEU B 530 -7.16 22.44 17.15
C LEU B 530 -8.02 23.10 18.20
N PRO B 531 -8.08 22.58 19.44
CA PRO B 531 -8.94 23.16 20.47
C PRO B 531 -8.77 24.68 20.57
N THR B 532 -9.91 25.39 20.60
CA THR B 532 -10.08 26.87 20.76
C THR B 532 -9.86 27.60 19.42
N HIS B 533 -9.42 26.89 18.37
CA HIS B 533 -9.18 27.50 17.05
C HIS B 533 -10.21 26.97 16.06
N ASP B 534 -10.50 27.73 15.02
CA ASP B 534 -11.49 27.34 13.99
C ASP B 534 -11.10 26.01 13.35
N THR B 535 -12.10 25.22 12.99
CA THR B 535 -11.95 23.94 12.27
C THR B 535 -12.01 24.24 10.77
N TYR B 536 -11.13 23.63 9.98
CA TYR B 536 -11.17 23.74 8.50
C TYR B 536 -11.33 22.34 7.91
N VAL B 537 -12.26 22.23 6.98
CA VAL B 537 -12.66 20.94 6.38
C VAL B 537 -12.57 21.06 4.86
N LEU B 538 -11.78 20.20 4.23
CA LEU B 538 -11.85 19.96 2.78
C LEU B 538 -12.88 18.87 2.54
N LEU B 539 -13.82 19.12 1.63
CA LEU B 539 -14.65 18.08 0.99
C LEU B 539 -14.35 18.12 -0.50
N PHE B 540 -13.99 17.00 -1.08
CA PHE B 540 -13.50 16.93 -2.48
C PHE B 540 -14.11 15.71 -3.17
N ASN B 541 -14.92 15.96 -4.19
CA ASN B 541 -15.40 14.92 -5.12
C ASN B 541 -14.34 14.80 -6.22
N VAL B 542 -13.52 13.75 -6.17
CA VAL B 542 -12.40 13.57 -7.14
C VAL B 542 -12.90 12.83 -8.39
N SER B 543 -14.17 12.46 -8.43
CA SER B 543 -14.74 11.64 -9.53
C SER B 543 -15.30 12.50 -10.66
N GLU B 544 -15.79 11.83 -11.70
CA GLU B 544 -16.40 12.43 -12.91
C GLU B 544 -17.93 12.47 -12.78
N ARG B 545 -18.48 12.13 -11.62
CA ARG B 545 -19.94 12.17 -11.41
C ARG B 545 -20.25 12.88 -10.11
N ARG B 546 -21.45 13.43 -10.04
CA ARG B 546 -21.95 14.11 -8.84
C ARG B 546 -22.03 13.09 -7.70
N ASP B 547 -21.94 13.55 -6.46
CA ASP B 547 -21.97 12.68 -5.26
C ASP B 547 -22.72 13.41 -4.17
N THR B 548 -23.51 12.70 -3.37
CA THR B 548 -24.19 13.26 -2.18
C THR B 548 -23.64 12.58 -0.94
N VAL B 549 -23.26 13.37 0.07
CA VAL B 549 -22.62 12.84 1.30
C VAL B 549 -23.37 13.37 2.52
N ASP B 550 -23.27 12.61 3.61
CA ASP B 550 -23.82 12.98 4.94
C ASP B 550 -22.70 13.67 5.73
N LEU B 551 -22.78 15.00 5.87
CA LEU B 551 -21.78 15.80 6.62
C LEU B 551 -21.79 15.41 8.10
N GLY B 552 -22.84 14.76 8.59
CA GLY B 552 -22.84 14.22 9.96
C GLY B 552 -21.71 13.24 10.20
N ARG B 553 -21.18 12.61 9.15
CA ARG B 553 -20.07 11.63 9.24
C ARG B 553 -18.72 12.33 9.40
N VAL B 554 -18.64 13.64 9.20
CA VAL B 554 -17.35 14.38 9.23
C VAL B 554 -17.06 14.80 10.67
N PRO B 555 -15.92 14.37 11.27
CA PRO B 555 -15.62 14.72 12.65
C PRO B 555 -15.37 16.23 12.76
N HIS B 556 -15.77 16.83 13.89
CA HIS B 556 -15.46 18.22 14.29
C HIS B 556 -16.14 19.24 13.38
N LEU B 557 -17.13 18.82 12.61
CA LEU B 557 -17.83 19.77 11.71
C LEU B 557 -19.19 20.05 12.31
N THR B 558 -19.36 21.20 12.97
CA THR B 558 -20.70 21.66 13.42
C THR B 558 -21.26 22.55 12.32
N LEU B 559 -22.54 22.40 12.01
CA LEU B 559 -23.26 23.25 11.04
C LEU B 559 -24.10 24.23 11.83
N PRO B 560 -24.34 25.46 11.35
CA PRO B 560 -23.83 25.89 10.05
C PRO B 560 -22.31 26.17 10.00
N ALA B 561 -21.72 26.00 8.82
CA ALA B 561 -20.31 26.30 8.53
C ALA B 561 -20.27 27.22 7.31
N THR B 562 -19.16 27.92 7.12
CA THR B 562 -18.99 28.93 6.04
C THR B 562 -18.00 28.42 4.99
N VAL B 563 -18.36 28.55 3.73
CA VAL B 563 -17.44 28.25 2.60
C VAL B 563 -16.33 29.29 2.66
N TYR B 564 -15.09 28.83 2.85
CA TYR B 564 -13.88 29.68 2.85
C TYR B 564 -13.34 29.74 1.41
N VAL B 565 -13.26 28.60 0.74
CA VAL B 565 -12.82 28.46 -0.68
C VAL B 565 -13.75 27.47 -1.37
N SER B 566 -14.07 27.73 -2.63
CA SER B 566 -14.74 26.76 -3.50
C SER B 566 -14.02 26.69 -4.84
N SER B 567 -14.06 25.52 -5.47
CA SER B 567 -13.64 25.32 -6.88
C SER B 567 -14.31 26.40 -7.74
N ILE B 568 -13.64 26.86 -8.79
CA ILE B 568 -14.16 27.97 -9.67
C ILE B 568 -15.51 27.56 -10.29
N HIS B 569 -15.79 26.27 -10.43
CA HIS B 569 -17.02 25.75 -11.10
C HIS B 569 -18.11 25.44 -10.06
N SER B 570 -17.86 25.64 -8.75
CA SER B 570 -18.83 25.36 -7.66
C SER B 570 -20.00 26.36 -7.73
N ALA B 571 -21.20 25.94 -7.35
CA ALA B 571 -22.35 26.88 -7.19
C ALA B 571 -22.17 27.68 -5.91
N ARG B 572 -21.30 27.26 -5.00
CA ARG B 572 -21.15 27.88 -3.67
C ARG B 572 -20.02 28.91 -3.75
N LEU B 573 -20.28 30.14 -3.32
CA LEU B 573 -19.26 31.22 -3.26
C LEU B 573 -18.69 31.27 -1.85
N ALA B 574 -17.46 31.78 -1.70
CA ALA B 574 -16.87 32.08 -0.38
C ALA B 574 -17.89 32.92 0.38
N GLY B 575 -18.16 32.59 1.65
CA GLY B 575 -19.16 33.28 2.50
C GLY B 575 -20.50 32.55 2.51
N HIS B 576 -20.78 31.66 1.55
CA HIS B 576 -21.98 30.80 1.51
C HIS B 576 -22.05 29.95 2.79
N GLU B 577 -23.24 29.85 3.38
CA GLU B 577 -23.50 29.06 4.61
C GLU B 577 -23.92 27.66 4.18
N ILE B 578 -23.22 26.65 4.69
CA ILE B 578 -23.67 25.23 4.64
C ILE B 578 -24.50 24.98 5.89
N THR B 579 -25.79 24.70 5.73
CA THR B 579 -26.77 24.52 6.83
C THR B 579 -27.29 23.07 6.87
N SER B 580 -27.45 22.42 5.71
CA SER B 580 -27.99 21.04 5.61
C SER B 580 -26.85 20.02 5.80
N SER B 581 -27.14 18.92 6.51
CA SER B 581 -26.23 17.77 6.66
C SER B 581 -26.07 17.00 5.34
N GLN B 582 -26.96 17.18 4.36
CA GLN B 582 -26.86 16.51 3.03
C GLN B 582 -26.17 17.48 2.07
N LEU B 583 -25.02 17.08 1.50
CA LEU B 583 -24.27 17.94 0.56
C LEU B 583 -24.02 17.18 -0.75
N SER B 584 -24.50 17.77 -1.85
CA SER B 584 -24.22 17.32 -3.23
CA SER B 584 -24.21 17.32 -3.23
C SER B 584 -22.99 18.06 -3.75
N LEU B 585 -21.97 17.32 -4.16
CA LEU B 585 -20.75 17.86 -4.81
C LEU B 585 -20.75 17.44 -6.26
N GLU B 586 -20.56 18.39 -7.15
CA GLU B 586 -20.36 18.11 -8.59
C GLU B 586 -19.03 17.39 -8.79
N ALA B 587 -18.87 16.75 -9.94
CA ALA B 587 -17.60 16.18 -10.41
C ALA B 587 -16.48 17.22 -10.20
N GLY B 588 -15.43 16.84 -9.48
CA GLY B 588 -14.24 17.69 -9.30
C GLY B 588 -14.45 18.78 -8.24
N GLU B 589 -15.64 18.93 -7.69
CA GLU B 589 -15.94 20.09 -6.81
C GLU B 589 -15.26 19.91 -5.45
N ALA B 590 -14.61 20.96 -4.98
CA ALA B 590 -13.98 20.99 -3.65
C ALA B 590 -14.44 22.23 -2.91
N LEU B 591 -14.70 22.05 -1.62
CA LEU B 591 -15.00 23.15 -0.69
C LEU B 591 -14.03 23.06 0.48
N VAL B 592 -13.57 24.21 0.93
CA VAL B 592 -13.02 24.36 2.30
C VAL B 592 -14.08 25.08 3.13
N LEU B 593 -14.54 24.42 4.17
CA LEU B 593 -15.51 24.96 5.16
C LEU B 593 -14.74 25.43 6.39
N LYS B 594 -15.11 26.61 6.87
CA LYS B 594 -14.68 27.16 8.16
C LYS B 594 -15.79 26.88 9.16
N ALA B 595 -15.47 26.15 10.22
CA ALA B 595 -16.43 25.71 11.24
C ALA B 595 -15.93 26.16 12.61
N GLN B 596 -16.84 26.22 13.57
CA GLN B 596 -16.53 26.71 14.92
C GLN B 596 -15.44 25.83 15.54
N PRO B 597 -14.67 26.39 16.49
CA PRO B 597 -13.64 25.63 17.19
C PRO B 597 -14.21 24.41 17.92
N ILE B 598 -13.37 23.38 18.08
CA ILE B 598 -13.63 22.26 19.03
C ILE B 598 -12.93 22.59 20.35
MG MG C . -12.06 -40.38 14.49
CA CA D . -14.39 -22.23 -12.45
MG MG E . -10.42 12.14 16.75
C1 GOL F . -10.08 -25.85 -3.22
O1 GOL F . -11.47 -26.12 -3.02
C2 GOL F . -9.46 -25.24 -1.98
O2 GOL F . -9.93 -23.91 -1.79
C3 GOL F . -7.95 -25.27 -2.00
O3 GOL F . -7.45 -26.47 -1.40
C1 GOL G . -2.92 -18.53 -0.43
O1 GOL G . -3.37 -19.29 0.69
C2 GOL G . -2.23 -17.24 0.00
O2 GOL G . -1.19 -17.52 0.94
C3 GOL G . -1.67 -16.47 -1.17
O3 GOL G . -1.04 -15.28 -0.72
C1 GOL H . 0.19 -20.18 -0.32
O1 GOL H . 1.29 -19.30 -0.49
C2 GOL H . 0.64 -21.55 0.13
O2 GOL H . 0.74 -21.61 1.56
C3 GOL H . -0.32 -22.61 -0.35
O3 GOL H . 0.19 -23.92 -0.07
C1 PGE I . -30.31 -33.17 -14.57
O1 PGE I . -31.12 -33.27 -15.74
C2 PGE I . -29.26 -32.09 -14.69
O2 PGE I . -28.86 -31.63 -13.39
C3 PGE I . -29.93 -31.04 -12.65
C4 PGE I . -29.42 -29.91 -11.80
O4 PGE I . -33.11 -28.91 -10.01
C6 PGE I . -32.00 -29.53 -10.64
C5 PGE I . -31.60 -28.86 -11.92
O3 PGE I . -30.18 -28.71 -12.02
MG MG J . 16.43 35.76 -21.57
CA CA K . 27.33 7.31 -7.64
C1 GOL L . 15.70 15.66 -13.96
O1 GOL L . 14.54 16.12 -13.29
C2 GOL L . 15.53 15.60 -15.46
O2 GOL L . 14.75 16.73 -15.90
C3 GOL L . 16.87 15.55 -16.18
O3 GOL L . 16.81 14.82 -17.40
C1 GOL M . 18.00 13.67 -11.01
O1 GOL M . 17.01 14.67 -10.80
C2 GOL M . 18.74 13.91 -12.32
O2 GOL M . 18.10 13.16 -13.36
C3 GOL M . 20.20 13.52 -12.27
O3 GOL M . 20.94 14.10 -13.33
#